data_8FRL
#
_entry.id   8FRL
#
loop_
_entity.id
_entity.type
_entity.pdbx_description
1 polymer 'Lipopolysaccharide export system ATP-binding protein LptB'
2 polymer 'Lipopolysaccharide export system permease protein LptF'
3 polymer 'LPS export ABC transporter permease LptG'
4 non-polymer (7S,10S,13S,17P)-10-(4-aminobutyl)-7-(3-aminopropyl)-17-(6-aminopyridin-3-yl)-20-chloro-13-[(1H-indol-3-yl)methyl]-12-methyl-6,7,9,10,12,13,15,16-octahydropyrido[2,3-b][1,5,8,11,14]benzothiatetraazacycloheptadecine-8,11,14(5H)-trione
5 non-polymer '(2~{R},4~{R},5~{R},6~{R})-6-[(1~{R})-1,2-bis(oxidanyl)ethyl]-2-[(2~{R},4~{R},5~{R},6~{R})-6-[(1~{R})-1,2-bis(oxidanyl)ethyl]-5-[(2~{S},3~{S},4~{R},5~{R},6~{R})-6-[(1~{S})-1,2-bis(oxidanyl)ethyl]-4-[(2~{R},3~{S},4~{R},5~{S},6~{R})-6-[(1~{S})-2-[(2~{S},3~{S},4~{S},5~{S},6~{R})-6-[(1~{S})-1,2-bis(oxidanyl)ethyl]-3,4,5-tris(oxidanyl)oxan-2-yl]oxy-1-oxidanyl-ethyl]-3,4-bis(oxidanyl)-5-phosphonooxy-oxan-2-yl]oxy-3-oxidanyl-5-phosphonooxy-oxan-2-yl]oxy-2-carboxy-2-[[(2~{R},3~{S},4~{R},5~{R},6~{R})-5-[[(3~{R})-3-dodecanoyloxytetradecanoyl]amino]-6-[[(2~{R},3~{S},4~{R},5~{R},6~{R})-3-oxidanyl-5-[[(3~{R})-3-oxidanyltetradecanoyl]amino]-4-[(3~{R})-3-oxidanyltetradecanoyl]oxy-6-phosphonooxy-oxan-2-yl]methoxy]-3-phosphonooxy-4-[(3~{R})-3-tetradecanoyloxytetradecanoyl]oxy-oxan-2-yl]methoxy]oxan-4-yl]oxy-4,5-bis(oxidanyl)oxane-2-carboxylic acid'
6 non-polymer DODECYL-BETA-D-MALTOSIDE
#
loop_
_entity_poly.entity_id
_entity_poly.type
_entity_poly.pdbx_seq_one_letter_code
_entity_poly.pdbx_strand_id
1 'polypeptide(L)'
;MHHHHHHHMEQIAQQQPQTLCIKHLAKNYSKRWVVKDVSFEMQSGQIVGLLGPNGAGKTTSFYMVVGLVRMDKGEIHLDN
LDLSDLAMHERARKGIGYLPQEASIFRKLTIAENIMAILETRKDLNKQQRQQRLQELLNDFKITHIKDSLGMSVSGGERR
RAEIARALAADPKFMLLDEPFAGVDPISVGDIKDIIRNLKDRGIGVLITDHNVRETLAICEHAYIVSEGAVIAEGSPQDI
LENEQVRKVYLGDDFTV
;
A,B
2 'polypeptide(L)'
;MIIRRYLVKQVVSTSLVVIALLTLIMMGGRLIKYFGVAAQGRLDAGVLFSIIGYRMPEFLTLILPLGFFIGLMLVFGRLY
VDHEMAVLNGSGISRIRLGQLLIPLALVFLVIQGILMLWMTPWGLRQFDQLSSSQAVRTGFDLVRPKEFISSGPYTIYAG
DLSEDRKNLKDIFFYQRAQKEGKPDVMILAKEATRVVMENETANVVDLIQGRRYEIYPGKAKYSQAEFQRYRLRLENDKS
ATFETDKVEALPSSKLWNKWNDPVIASEMGWRVFGPFTIVIALMMAVALCEVSPRQGRYYRLIPAIFIFASLIVLLIAIR
TRISRDELGVWAYPAALAVYGIAAALFSRKQKLAPKIKKQIKRVRA
;
F
3 'polypeptide(L)'
;MLARRIVAKHVTKTTALAMLGTTIVLVILQVLFTYLGELSNLKADYSAWQAFLYVLWGAPRYLYEILPISALIGAILGLG
TLASNSELIVMRSVGISLWRIVGWVIRSALVLVLLSFALSEWVVPYTNERANSVKSHQSVAALGEVRGYWSREGQRFIYV
DYANSQGQLKRIQVVDFDDNYRLKSVTNAEQGQFVKDGQWLLNHSQQMAIQGQGDAVLANAAKQPFSLALQPKYVHMVTI
DPEDLSFSQLVSFMNYMREYSQVPKTYQLAFWKKVASPFALITLVLVACSFIFGPLRQQSMGFRLVIALFIGLGFYYLQD
FLGYASLVYNPSPAWFVLGPIVLMFVAGSYLLYRAR
;
G
#
# COMPACT_ATOMS: atom_id res chain seq x y z
N GLN A 18 5.18 8.10 -49.30
CA GLN A 18 5.56 8.75 -48.06
C GLN A 18 6.79 8.07 -47.46
N THR A 19 7.69 8.87 -46.89
CA THR A 19 8.98 8.38 -46.41
C THR A 19 9.23 8.93 -45.01
N LEU A 20 9.11 8.08 -43.99
CA LEU A 20 9.51 8.46 -42.65
C LEU A 20 11.02 8.48 -42.56
N CYS A 21 11.59 9.64 -42.25
CA CYS A 21 13.03 9.83 -42.20
C CYS A 21 13.44 10.10 -40.75
N ILE A 22 14.37 9.30 -40.23
CA ILE A 22 14.89 9.46 -38.89
C ILE A 22 16.39 9.73 -38.99
N LYS A 23 16.85 10.79 -38.34
CA LYS A 23 18.24 11.22 -38.47
C LYS A 23 18.85 11.46 -37.11
N HIS A 24 19.99 10.81 -36.85
CA HIS A 24 20.88 11.15 -35.74
C HIS A 24 20.17 11.13 -34.39
N LEU A 25 19.41 10.07 -34.15
CA LEU A 25 18.78 9.92 -32.84
C LEU A 25 19.82 9.79 -31.74
N ALA A 26 19.50 10.30 -30.56
CA ALA A 26 20.39 10.17 -29.42
C ALA A 26 19.58 10.29 -28.14
N LYS A 27 20.05 9.62 -27.10
CA LYS A 27 19.36 9.58 -25.82
C LYS A 27 20.30 9.08 -24.73
N ASN A 28 20.46 9.84 -23.65
CA ASN A 28 21.35 9.45 -22.56
C ASN A 28 20.52 9.17 -21.31
N TYR A 29 20.72 8.00 -20.73
CA TYR A 29 20.03 7.58 -19.51
C TYR A 29 21.05 7.44 -18.40
N SER A 30 20.81 8.16 -17.29
CA SER A 30 21.71 8.15 -16.14
C SER A 30 23.15 8.49 -16.56
N LYS A 31 23.27 9.54 -17.37
CA LYS A 31 24.56 10.03 -17.85
C LYS A 31 25.29 8.99 -18.69
N ARG A 32 24.55 8.07 -19.31
CA ARG A 32 25.11 7.08 -20.21
C ARG A 32 24.35 7.15 -21.53
N TRP A 33 25.07 7.41 -22.62
CA TRP A 33 24.43 7.59 -23.92
C TRP A 33 23.94 6.26 -24.46
N VAL A 34 22.67 5.94 -24.22
CA VAL A 34 22.11 4.68 -24.68
C VAL A 34 22.09 4.62 -26.20
N VAL A 35 21.68 5.70 -26.85
CA VAL A 35 21.58 5.78 -28.30
C VAL A 35 22.52 6.88 -28.79
N LYS A 36 23.35 6.55 -29.75
CA LYS A 36 24.32 7.48 -30.32
C LYS A 36 24.27 7.41 -31.83
N ASP A 37 23.67 8.41 -32.46
CA ASP A 37 23.65 8.56 -33.92
C ASP A 37 23.01 7.34 -34.59
N VAL A 38 21.71 7.18 -34.33
CA VAL A 38 20.88 6.19 -35.00
C VAL A 38 20.05 6.91 -36.05
N SER A 39 20.16 6.47 -37.30
CA SER A 39 19.45 7.11 -38.40
C SER A 39 19.03 6.06 -39.41
N PHE A 40 17.73 6.01 -39.73
CA PHE A 40 17.21 5.06 -40.69
C PHE A 40 16.02 5.69 -41.39
N GLU A 41 15.71 5.15 -42.57
CA GLU A 41 14.62 5.65 -43.40
C GLU A 41 13.66 4.53 -43.72
N MET A 42 12.36 4.78 -43.52
CA MET A 42 11.31 3.82 -43.83
C MET A 42 10.28 4.47 -44.73
N GLN A 43 9.92 3.80 -45.81
CA GLN A 43 8.92 4.27 -46.75
C GLN A 43 7.58 3.59 -46.51
N SER A 44 6.53 4.21 -47.03
CA SER A 44 5.19 3.63 -46.93
C SER A 44 5.11 2.37 -47.78
N GLY A 45 4.42 1.35 -47.25
CA GLY A 45 4.32 0.09 -47.94
C GLY A 45 5.56 -0.79 -47.86
N GLN A 46 6.51 -0.44 -47.00
CA GLN A 46 7.75 -1.19 -46.85
C GLN A 46 7.91 -1.62 -45.41
N ILE A 47 8.34 -2.87 -45.21
CA ILE A 47 8.53 -3.43 -43.88
C ILE A 47 10.00 -3.27 -43.51
N VAL A 48 10.27 -2.57 -42.41
CA VAL A 48 11.63 -2.32 -41.95
C VAL A 48 11.78 -2.90 -40.55
N GLY A 49 12.81 -3.72 -40.35
CA GLY A 49 13.08 -4.34 -39.08
C GLY A 49 14.21 -3.63 -38.37
N LEU A 50 13.92 -3.09 -37.19
CA LEU A 50 14.91 -2.39 -36.37
C LEU A 50 15.41 -3.39 -35.33
N LEU A 51 16.48 -4.10 -35.67
CA LEU A 51 17.03 -5.16 -34.85
C LEU A 51 18.36 -4.71 -34.23
N GLY A 52 18.97 -5.62 -33.49
CA GLY A 52 20.22 -5.35 -32.83
C GLY A 52 20.36 -6.12 -31.53
N PRO A 53 21.53 -6.05 -30.92
CA PRO A 53 21.72 -6.73 -29.62
C PRO A 53 20.79 -6.16 -28.57
N ASN A 54 20.38 -7.02 -27.64
CA ASN A 54 19.51 -6.59 -26.56
C ASN A 54 20.19 -5.54 -25.70
N GLY A 55 19.49 -4.44 -25.43
CA GLY A 55 20.04 -3.37 -24.64
C GLY A 55 21.06 -2.51 -25.35
N ALA A 56 21.23 -2.67 -26.65
CA ALA A 56 22.19 -1.89 -27.42
C ALA A 56 21.58 -0.62 -28.01
N GLY A 57 20.33 -0.32 -27.67
CA GLY A 57 19.68 0.87 -28.17
C GLY A 57 18.63 0.65 -29.23
N LYS A 58 18.34 -0.61 -29.59
CA LYS A 58 17.29 -0.85 -30.57
C LYS A 58 15.92 -0.59 -29.99
N THR A 59 15.72 -0.87 -28.69
CA THR A 59 14.44 -0.60 -28.05
C THR A 59 14.24 0.89 -27.79
N THR A 60 15.29 1.57 -27.31
CA THR A 60 15.17 2.99 -27.03
C THR A 60 15.01 3.80 -28.31
N SER A 61 15.76 3.46 -29.36
CA SER A 61 15.63 4.16 -30.63
C SER A 61 14.24 3.96 -31.24
N PHE A 62 13.64 2.79 -31.02
CA PHE A 62 12.28 2.56 -31.48
C PHE A 62 11.30 3.48 -30.75
N TYR A 63 11.49 3.67 -29.45
CA TYR A 63 10.55 4.47 -28.67
C TYR A 63 10.63 5.94 -29.03
N MET A 64 11.83 6.45 -29.36
CA MET A 64 11.93 7.84 -29.78
C MET A 64 11.19 8.06 -31.10
N VAL A 65 11.11 7.03 -31.94
CA VAL A 65 10.33 7.14 -33.17
C VAL A 65 8.84 7.20 -32.85
N VAL A 66 8.37 6.35 -31.93
CA VAL A 66 6.97 6.37 -31.55
C VAL A 66 6.62 7.65 -30.81
N GLY A 67 7.43 8.00 -29.81
CA GLY A 67 7.18 9.18 -29.01
C GLY A 67 7.09 8.90 -27.53
N LEU A 68 7.34 7.65 -27.13
CA LEU A 68 7.25 7.31 -25.71
C LEU A 68 8.31 8.04 -24.89
N VAL A 69 9.56 8.01 -25.33
CA VAL A 69 10.67 8.62 -24.63
C VAL A 69 11.08 9.87 -25.38
N ARG A 70 11.32 10.95 -24.64
CA ARG A 70 11.66 12.22 -25.27
C ARG A 70 13.02 12.14 -25.95
N MET A 71 13.08 12.69 -27.16
CA MET A 71 14.33 12.77 -27.90
C MET A 71 15.32 13.68 -27.17
N ASP A 72 16.61 13.40 -27.34
CA ASP A 72 17.64 14.26 -26.80
C ASP A 72 18.56 14.85 -27.84
N LYS A 73 18.52 14.36 -29.08
CA LYS A 73 19.28 14.92 -30.19
C LYS A 73 18.81 14.26 -31.47
N GLY A 74 18.73 15.03 -32.54
CA GLY A 74 18.34 14.51 -33.84
C GLY A 74 17.01 15.08 -34.29
N GLU A 75 16.47 14.46 -35.34
CA GLU A 75 15.23 14.93 -35.93
C GLU A 75 14.51 13.75 -36.60
N ILE A 76 13.20 13.90 -36.75
CA ILE A 76 12.36 12.92 -37.42
C ILE A 76 11.52 13.65 -38.46
N HIS A 77 11.55 13.17 -39.69
CA HIS A 77 10.85 13.81 -40.79
C HIS A 77 9.90 12.84 -41.47
N LEU A 78 8.79 13.37 -41.97
CA LEU A 78 7.81 12.61 -42.76
C LEU A 78 7.44 13.49 -43.94
N ASP A 79 8.19 13.36 -45.04
CA ASP A 79 7.99 14.17 -46.24
C ASP A 79 8.11 15.67 -45.92
N ASN A 80 9.34 16.04 -45.52
CA ASN A 80 9.69 17.42 -45.14
C ASN A 80 8.66 18.04 -44.19
N LEU A 81 8.12 17.23 -43.29
CA LEU A 81 7.18 17.66 -42.25
C LEU A 81 7.74 17.18 -40.92
N ASP A 82 8.42 18.09 -40.21
CA ASP A 82 9.12 17.70 -38.99
C ASP A 82 8.15 17.17 -37.94
N LEU A 83 8.50 16.02 -37.35
CA LEU A 83 7.74 15.43 -36.27
C LEU A 83 8.52 15.34 -34.97
N SER A 84 9.71 15.91 -34.90
CA SER A 84 10.52 15.79 -33.69
C SER A 84 9.87 16.50 -32.51
N ASP A 85 9.29 17.67 -32.74
CA ASP A 85 8.69 18.45 -31.67
C ASP A 85 7.28 18.00 -31.32
N LEU A 86 6.64 17.21 -32.18
CA LEU A 86 5.27 16.76 -31.92
C LEU A 86 5.26 15.63 -30.91
N ALA A 87 4.28 15.64 -30.02
CA ALA A 87 4.14 14.59 -29.03
C ALA A 87 3.60 13.32 -29.70
N MET A 88 3.36 12.30 -28.88
CA MET A 88 2.93 11.02 -29.41
C MET A 88 1.57 11.13 -30.10
N HIS A 89 0.65 11.87 -29.51
CA HIS A 89 -0.69 11.98 -30.09
C HIS A 89 -0.69 12.87 -31.33
N GLU A 90 0.23 13.83 -31.42
CA GLU A 90 0.28 14.69 -32.58
C GLU A 90 0.87 14.00 -33.79
N ARG A 91 1.79 13.06 -33.58
CA ARG A 91 2.29 12.24 -34.68
C ARG A 91 1.24 11.24 -35.16
N ALA A 92 0.42 10.74 -34.24
CA ALA A 92 -0.61 9.77 -34.61
C ALA A 92 -1.60 10.37 -35.58
N ARG A 93 -1.92 11.65 -35.43
CA ARG A 93 -2.80 12.33 -36.39
C ARG A 93 -2.12 12.53 -37.74
N LYS A 94 -0.79 12.44 -37.78
CA LYS A 94 -0.07 12.51 -39.05
C LYS A 94 0.00 11.18 -39.77
N GLY A 95 -0.34 10.08 -39.09
CA GLY A 95 -0.39 8.78 -39.74
C GLY A 95 0.62 7.79 -39.20
N ILE A 96 0.98 7.90 -37.93
CA ILE A 96 1.94 7.01 -37.30
C ILE A 96 1.23 6.26 -36.18
N GLY A 97 1.22 4.92 -36.28
CA GLY A 97 0.53 4.12 -35.29
C GLY A 97 1.47 3.37 -34.36
N TYR A 98 0.95 2.89 -33.24
CA TYR A 98 1.74 2.15 -32.26
C TYR A 98 0.96 0.94 -31.79
N LEU A 99 1.62 -0.20 -31.74
CA LEU A 99 1.02 -1.44 -31.24
C LEU A 99 1.88 -1.99 -30.12
N PRO A 100 1.49 -1.79 -28.86
CA PRO A 100 2.32 -2.25 -27.74
C PRO A 100 2.45 -3.77 -27.74
N GLN A 101 3.62 -4.24 -27.29
CA GLN A 101 3.83 -5.68 -27.19
C GLN A 101 2.89 -6.30 -26.18
N GLU A 102 2.71 -5.65 -25.03
CA GLU A 102 1.83 -6.16 -23.99
C GLU A 102 0.37 -5.93 -24.38
N ALA A 103 -0.52 -6.59 -23.65
CA ALA A 103 -1.95 -6.50 -23.93
C ALA A 103 -2.44 -5.07 -23.75
N SER A 104 -2.81 -4.42 -24.85
CA SER A 104 -3.25 -3.03 -24.84
C SER A 104 -4.70 -2.87 -25.24
N ILE A 105 -5.48 -3.94 -25.22
CA ILE A 105 -6.90 -3.85 -25.55
C ILE A 105 -7.63 -3.18 -24.40
N PHE A 106 -8.70 -2.46 -24.72
CA PHE A 106 -9.56 -1.89 -23.68
C PHE A 106 -10.28 -3.03 -22.99
N ARG A 107 -9.87 -3.34 -21.75
CA ARG A 107 -10.22 -4.61 -21.14
C ARG A 107 -11.72 -4.79 -20.99
N LYS A 108 -12.41 -3.75 -20.51
CA LYS A 108 -13.84 -3.86 -20.23
C LYS A 108 -14.70 -3.26 -21.34
N LEU A 109 -14.19 -3.22 -22.56
CA LEU A 109 -14.95 -2.79 -23.72
C LEU A 109 -15.11 -3.95 -24.69
N THR A 110 -16.27 -3.99 -25.34
CA THR A 110 -16.53 -5.01 -26.34
C THR A 110 -15.57 -4.84 -27.51
N ILE A 111 -15.21 -5.97 -28.14
CA ILE A 111 -14.27 -5.93 -29.26
C ILE A 111 -14.82 -5.05 -30.39
N ALA A 112 -16.12 -5.13 -30.65
CA ALA A 112 -16.72 -4.21 -31.63
C ALA A 112 -16.60 -2.78 -31.16
N GLU A 113 -16.69 -2.55 -29.85
CA GLU A 113 -16.52 -1.20 -29.31
C GLU A 113 -15.06 -0.77 -29.28
N ASN A 114 -14.13 -1.71 -29.19
CA ASN A 114 -12.72 -1.36 -29.25
C ASN A 114 -12.36 -0.73 -30.59
N ILE A 115 -12.80 -1.35 -31.69
CA ILE A 115 -12.59 -0.76 -33.01
C ILE A 115 -13.44 0.49 -33.18
N MET A 116 -14.66 0.48 -32.63
CA MET A 116 -15.56 1.63 -32.79
C MET A 116 -15.09 2.83 -31.99
N ALA A 117 -14.47 2.61 -30.82
CA ALA A 117 -14.02 3.73 -30.01
C ALA A 117 -12.98 4.57 -30.74
N ILE A 118 -12.20 3.95 -31.62
CA ILE A 118 -11.22 4.68 -32.41
C ILE A 118 -11.81 5.15 -33.74
N LEU A 119 -12.83 4.45 -34.25
CA LEU A 119 -13.46 4.88 -35.49
C LEU A 119 -14.21 6.20 -35.30
N GLU A 120 -14.83 6.38 -34.13
CA GLU A 120 -15.50 7.64 -33.83
C GLU A 120 -14.51 8.80 -33.72
N THR A 121 -13.23 8.52 -33.49
CA THR A 121 -12.23 9.57 -33.51
C THR A 121 -12.04 10.15 -34.90
N ARG A 122 -12.17 9.31 -35.94
CA ARG A 122 -12.00 9.77 -37.31
C ARG A 122 -13.01 10.84 -37.66
N LYS A 123 -12.54 11.93 -38.26
CA LYS A 123 -13.41 13.03 -38.65
C LYS A 123 -13.98 12.88 -40.04
N ASP A 124 -13.30 12.16 -40.93
CA ASP A 124 -13.73 11.98 -42.30
C ASP A 124 -14.64 10.77 -42.48
N LEU A 125 -15.31 10.33 -41.42
CA LEU A 125 -16.25 9.23 -41.48
C LEU A 125 -17.52 9.62 -40.72
N ASN A 126 -18.68 9.37 -41.33
CA ASN A 126 -19.94 9.61 -40.67
C ASN A 126 -20.50 8.28 -40.14
N LYS A 127 -21.64 8.36 -39.44
CA LYS A 127 -22.20 7.17 -38.83
C LYS A 127 -22.52 6.11 -39.87
N GLN A 128 -22.96 6.53 -41.06
CA GLN A 128 -23.32 5.58 -42.10
C GLN A 128 -22.13 4.73 -42.54
N GLN A 129 -20.96 5.35 -42.73
CA GLN A 129 -19.78 4.63 -43.19
C GLN A 129 -18.83 4.26 -42.07
N ARG A 130 -19.11 4.65 -40.83
CA ARG A 130 -18.33 4.15 -39.70
C ARG A 130 -18.71 2.71 -39.38
N GLN A 131 -20.00 2.40 -39.40
CA GLN A 131 -20.44 1.02 -39.20
C GLN A 131 -19.99 0.12 -40.33
N GLN A 132 -19.94 0.65 -41.56
CA GLN A 132 -19.43 -0.13 -42.68
C GLN A 132 -17.95 -0.44 -42.50
N ARG A 133 -17.16 0.55 -42.07
CA ARG A 133 -15.74 0.32 -41.85
C ARG A 133 -15.51 -0.66 -40.70
N LEU A 134 -16.28 -0.54 -39.62
CA LEU A 134 -16.16 -1.48 -38.52
C LEU A 134 -16.54 -2.89 -38.96
N GLN A 135 -17.60 -3.02 -39.77
CA GLN A 135 -18.03 -4.33 -40.22
C GLN A 135 -16.97 -5.00 -41.09
N GLU A 136 -16.34 -4.24 -41.99
CA GLU A 136 -15.31 -4.81 -42.84
C GLU A 136 -14.00 -5.01 -42.09
N LEU A 137 -13.72 -4.18 -41.08
CA LEU A 137 -12.53 -4.41 -40.26
C LEU A 137 -12.66 -5.69 -39.45
N LEU A 138 -13.85 -5.97 -38.91
CA LEU A 138 -14.07 -7.22 -38.21
C LEU A 138 -13.95 -8.42 -39.15
N ASN A 139 -14.46 -8.28 -40.36
CA ASN A 139 -14.40 -9.38 -41.32
C ASN A 139 -12.99 -9.57 -41.88
N ASP A 140 -12.23 -8.48 -42.04
CA ASP A 140 -10.88 -8.60 -42.58
C ASP A 140 -9.96 -9.34 -41.63
N PHE A 141 -10.30 -9.38 -40.33
CA PHE A 141 -9.48 -10.04 -39.34
C PHE A 141 -10.16 -11.25 -38.71
N LYS A 142 -11.30 -11.67 -39.26
CA LYS A 142 -12.00 -12.88 -38.83
C LYS A 142 -12.26 -12.88 -37.33
N ILE A 143 -12.72 -11.73 -36.82
CA ILE A 143 -13.15 -11.60 -35.43
C ILE A 143 -14.61 -11.21 -35.32
N THR A 144 -15.34 -11.22 -36.44
CA THR A 144 -16.75 -10.86 -36.40
C THR A 144 -17.59 -11.85 -35.60
N HIS A 145 -17.10 -13.07 -35.40
CA HIS A 145 -17.80 -14.03 -34.57
C HIS A 145 -17.65 -13.73 -33.09
N ILE A 146 -16.55 -13.11 -32.70
CA ILE A 146 -16.25 -12.83 -31.31
C ILE A 146 -16.42 -11.33 -31.02
N LYS A 147 -17.13 -10.62 -31.90
CA LYS A 147 -17.27 -9.18 -31.82
C LYS A 147 -18.15 -8.72 -30.67
N ASP A 148 -18.81 -9.63 -29.96
CA ASP A 148 -19.70 -9.26 -28.86
C ASP A 148 -19.13 -9.60 -27.50
N SER A 149 -17.85 -9.96 -27.42
CA SER A 149 -17.22 -10.34 -26.17
C SER A 149 -16.31 -9.22 -25.67
N LEU A 150 -16.01 -9.27 -24.38
CA LEU A 150 -15.17 -8.25 -23.77
C LEU A 150 -13.72 -8.38 -24.25
N GLY A 151 -12.98 -7.28 -24.12
CA GLY A 151 -11.59 -7.29 -24.53
C GLY A 151 -10.71 -8.20 -23.69
N MET A 152 -11.00 -8.32 -22.41
CA MET A 152 -10.20 -9.11 -21.49
C MET A 152 -10.61 -10.58 -21.44
N SER A 153 -11.65 -10.97 -22.16
CA SER A 153 -12.18 -12.33 -22.13
C SER A 153 -12.04 -13.01 -23.50
N VAL A 154 -10.88 -12.83 -24.14
CA VAL A 154 -10.63 -13.40 -25.45
C VAL A 154 -9.27 -14.08 -25.44
N SER A 155 -9.04 -14.91 -26.45
CA SER A 155 -7.77 -15.61 -26.57
C SER A 155 -6.65 -14.63 -26.90
N GLY A 156 -5.41 -15.05 -26.61
CA GLY A 156 -4.27 -14.20 -26.90
C GLY A 156 -4.11 -13.94 -28.39
N GLY A 157 -4.34 -14.97 -29.21
CA GLY A 157 -4.26 -14.77 -30.65
C GLY A 157 -5.37 -13.89 -31.19
N GLU A 158 -6.59 -14.05 -30.66
CA GLU A 158 -7.70 -13.23 -31.12
C GLU A 158 -7.60 -11.81 -30.60
N ARG A 159 -7.03 -11.62 -29.41
CA ARG A 159 -6.89 -10.27 -28.87
C ARG A 159 -5.98 -9.41 -29.73
N ARG A 160 -4.85 -9.96 -30.17
CA ARG A 160 -3.92 -9.18 -30.99
C ARG A 160 -4.54 -8.83 -32.34
N ARG A 161 -5.37 -9.73 -32.90
CA ARG A 161 -6.08 -9.39 -34.12
C ARG A 161 -7.07 -8.26 -33.90
N ALA A 162 -7.61 -8.14 -32.69
CA ALA A 162 -8.48 -7.01 -32.37
C ALA A 162 -7.68 -5.73 -32.15
N GLU A 163 -6.44 -5.83 -31.69
CA GLU A 163 -5.62 -4.64 -31.52
C GLU A 163 -5.11 -4.11 -32.85
N ILE A 164 -4.95 -4.98 -33.85
CA ILE A 164 -4.53 -4.53 -35.17
C ILE A 164 -5.71 -3.97 -35.94
N ALA A 165 -6.89 -4.58 -35.79
CA ALA A 165 -8.09 -4.00 -36.38
C ALA A 165 -8.40 -2.64 -35.77
N ARG A 166 -8.20 -2.51 -34.45
CA ARG A 166 -8.35 -1.23 -33.80
C ARG A 166 -7.33 -0.21 -34.30
N ALA A 167 -6.08 -0.65 -34.50
CA ALA A 167 -5.05 0.25 -34.99
C ALA A 167 -5.36 0.75 -36.39
N LEU A 168 -5.88 -0.14 -37.25
CA LEU A 168 -6.25 0.26 -38.60
C LEU A 168 -7.45 1.20 -38.61
N ALA A 169 -8.26 1.21 -37.56
CA ALA A 169 -9.39 2.12 -37.49
C ALA A 169 -8.93 3.57 -37.45
N ALA A 170 -7.77 3.84 -36.86
CA ALA A 170 -7.18 5.16 -36.85
C ALA A 170 -6.58 5.56 -38.20
N ASP A 171 -6.56 4.64 -39.16
CA ASP A 171 -6.02 4.85 -40.50
C ASP A 171 -4.59 5.37 -40.44
N PRO A 172 -3.62 4.53 -40.04
CA PRO A 172 -2.23 4.97 -40.01
C PRO A 172 -1.54 4.77 -41.36
N LYS A 173 -0.49 5.55 -41.57
CA LYS A 173 0.37 5.39 -42.73
C LYS A 173 1.63 4.61 -42.42
N PHE A 174 2.09 4.66 -41.17
CA PHE A 174 3.20 3.84 -40.70
C PHE A 174 2.80 3.20 -39.39
N MET A 175 2.97 1.88 -39.30
CA MET A 175 2.66 1.13 -38.09
C MET A 175 3.96 0.68 -37.45
N LEU A 176 4.16 1.05 -36.19
CA LEU A 176 5.38 0.73 -35.46
C LEU A 176 5.06 -0.42 -34.51
N LEU A 177 5.36 -1.64 -34.95
CA LEU A 177 5.06 -2.84 -34.17
C LEU A 177 6.18 -3.09 -33.17
N ASP A 178 5.81 -3.24 -31.89
CA ASP A 178 6.77 -3.53 -30.83
C ASP A 178 6.64 -5.00 -30.48
N GLU A 179 7.70 -5.76 -30.74
CA GLU A 179 7.77 -7.19 -30.44
C GLU A 179 6.53 -7.95 -30.93
N PRO A 180 6.25 -7.95 -32.24
CA PRO A 180 5.10 -8.72 -32.73
C PRO A 180 5.23 -10.21 -32.48
N PHE A 181 6.43 -10.75 -32.56
CA PHE A 181 6.66 -12.18 -32.30
C PHE A 181 7.13 -12.40 -30.87
N ALA A 182 6.31 -11.98 -29.92
CA ALA A 182 6.61 -12.11 -28.50
C ALA A 182 5.64 -13.10 -27.88
N GLY A 183 6.18 -14.16 -27.27
CA GLY A 183 5.33 -15.19 -26.69
C GLY A 183 4.43 -15.86 -27.70
N VAL A 184 4.97 -16.17 -28.87
CA VAL A 184 4.18 -16.70 -29.98
C VAL A 184 4.74 -18.07 -30.36
N ASP A 185 3.86 -19.07 -30.37
CA ASP A 185 4.27 -20.42 -30.73
C ASP A 185 4.64 -20.49 -32.21
N PRO A 186 5.51 -21.43 -32.58
CA PRO A 186 5.88 -21.55 -34.00
C PRO A 186 4.69 -21.82 -34.92
N ILE A 187 3.62 -22.43 -34.41
CA ILE A 187 2.41 -22.61 -35.21
C ILE A 187 1.80 -21.26 -35.56
N SER A 188 1.81 -20.32 -34.61
CA SER A 188 1.15 -19.03 -34.79
C SER A 188 2.10 -17.92 -35.20
N VAL A 189 3.39 -18.21 -35.39
CA VAL A 189 4.28 -17.21 -35.96
C VAL A 189 3.88 -16.89 -37.39
N GLY A 190 3.56 -17.92 -38.17
CA GLY A 190 3.13 -17.69 -39.54
C GLY A 190 1.87 -16.87 -39.65
N ASP A 191 0.98 -16.99 -38.66
CA ASP A 191 -0.24 -16.17 -38.65
C ASP A 191 0.10 -14.69 -38.55
N ILE A 192 1.07 -14.34 -37.72
CA ILE A 192 1.50 -12.95 -37.61
C ILE A 192 2.21 -12.50 -38.90
N LYS A 193 2.93 -13.42 -39.56
CA LYS A 193 3.57 -13.07 -40.81
C LYS A 193 2.56 -12.61 -41.84
N ASP A 194 1.43 -13.31 -41.94
CA ASP A 194 0.38 -12.91 -42.88
C ASP A 194 -0.20 -11.55 -42.50
N ILE A 195 -0.35 -11.29 -41.20
CA ILE A 195 -0.88 -10.00 -40.77
C ILE A 195 0.06 -8.87 -41.17
N ILE A 196 1.36 -9.03 -40.90
CA ILE A 196 2.32 -8.00 -41.23
C ILE A 196 2.46 -7.88 -42.75
N ARG A 197 2.39 -9.00 -43.47
CA ARG A 197 2.39 -8.95 -44.92
C ARG A 197 1.14 -8.25 -45.44
N ASN A 198 0.00 -8.47 -44.77
CA ASN A 198 -1.23 -7.79 -45.18
C ASN A 198 -1.15 -6.29 -44.93
N LEU A 199 -0.48 -5.88 -43.84
CA LEU A 199 -0.31 -4.46 -43.58
C LEU A 199 0.51 -3.79 -44.66
N LYS A 200 1.57 -4.47 -45.13
CA LYS A 200 2.33 -3.94 -46.26
C LYS A 200 1.48 -3.89 -47.52
N ASP A 201 0.67 -4.93 -47.76
CA ASP A 201 -0.21 -4.93 -48.92
C ASP A 201 -1.30 -3.89 -48.81
N ARG A 202 -1.51 -3.32 -47.62
CA ARG A 202 -2.47 -2.24 -47.42
C ARG A 202 -1.87 -0.87 -47.66
N GLY A 203 -0.61 -0.80 -48.08
CA GLY A 203 0.05 0.47 -48.28
C GLY A 203 0.56 1.12 -47.02
N ILE A 204 0.71 0.35 -45.94
CA ILE A 204 1.13 0.86 -44.65
C ILE A 204 2.53 0.35 -44.37
N GLY A 205 3.47 1.27 -44.20
CA GLY A 205 4.80 0.87 -43.78
C GLY A 205 4.79 0.33 -42.36
N VAL A 206 5.61 -0.69 -42.12
CA VAL A 206 5.67 -1.36 -40.83
C VAL A 206 7.11 -1.33 -40.34
N LEU A 207 7.30 -0.81 -39.12
CA LEU A 207 8.59 -0.83 -38.45
C LEU A 207 8.52 -1.85 -37.32
N ILE A 208 9.40 -2.82 -37.34
CA ILE A 208 9.37 -3.95 -36.40
C ILE A 208 10.66 -3.94 -35.59
N THR A 209 10.52 -3.92 -34.27
CA THR A 209 11.61 -4.21 -33.36
C THR A 209 11.27 -5.48 -32.61
N ASP A 210 12.21 -6.42 -32.58
CA ASP A 210 11.91 -7.73 -32.03
C ASP A 210 13.19 -8.44 -31.63
N HIS A 211 13.12 -9.23 -30.56
CA HIS A 211 14.24 -10.06 -30.16
C HIS A 211 14.37 -11.29 -31.05
N ASN A 212 13.26 -11.78 -31.60
CA ASN A 212 13.27 -12.95 -32.46
C ASN A 212 13.74 -12.52 -33.85
N VAL A 213 15.06 -12.45 -34.01
CA VAL A 213 15.65 -11.95 -35.24
C VAL A 213 15.44 -12.93 -36.39
N ARG A 214 15.39 -14.23 -36.11
CA ARG A 214 15.27 -15.21 -37.17
C ARG A 214 13.96 -15.05 -37.94
N GLU A 215 12.86 -14.82 -37.24
CA GLU A 215 11.58 -14.66 -37.91
C GLU A 215 11.32 -13.23 -38.35
N THR A 216 11.91 -12.24 -37.69
CA THR A 216 11.76 -10.86 -38.14
C THR A 216 12.45 -10.64 -39.47
N LEU A 217 13.60 -11.30 -39.69
CA LEU A 217 14.32 -11.18 -40.95
C LEU A 217 13.60 -11.88 -42.11
N ALA A 218 12.54 -12.64 -41.84
CA ALA A 218 11.85 -13.38 -42.87
C ALA A 218 10.74 -12.58 -43.56
N ILE A 219 10.41 -11.39 -43.06
CA ILE A 219 9.35 -10.59 -43.68
C ILE A 219 9.86 -9.21 -44.05
N CYS A 220 10.88 -8.73 -43.35
CA CYS A 220 11.37 -7.39 -43.61
C CYS A 220 12.23 -7.37 -44.87
N GLU A 221 12.08 -6.32 -45.67
CA GLU A 221 12.93 -6.15 -46.86
C GLU A 221 14.09 -5.20 -46.62
N HIS A 222 14.21 -4.62 -45.43
CA HIS A 222 15.28 -3.69 -45.13
C HIS A 222 15.45 -3.66 -43.62
N ALA A 223 16.56 -4.18 -43.13
CA ALA A 223 16.78 -4.33 -41.69
C ALA A 223 17.93 -3.43 -41.24
N TYR A 224 17.77 -2.87 -40.05
CA TYR A 224 18.78 -2.01 -39.43
C TYR A 224 19.26 -2.65 -38.14
N ILE A 225 20.56 -2.84 -38.01
CA ILE A 225 21.16 -3.46 -36.83
C ILE A 225 21.77 -2.35 -35.98
N VAL A 226 21.23 -2.16 -34.78
CA VAL A 226 21.66 -1.09 -33.88
C VAL A 226 22.51 -1.72 -32.79
N SER A 227 23.81 -1.49 -32.84
CA SER A 227 24.75 -1.99 -31.85
C SER A 227 25.49 -0.83 -31.20
N GLU A 228 25.83 -1.02 -29.93
CA GLU A 228 26.52 -0.02 -29.09
C GLU A 228 25.94 1.38 -29.25
N GLY A 229 24.65 1.47 -29.54
CA GLY A 229 23.97 2.73 -29.66
C GLY A 229 23.95 3.35 -31.05
N ALA A 230 24.56 2.70 -32.04
CA ALA A 230 24.62 3.24 -33.38
C ALA A 230 24.25 2.17 -34.39
N VAL A 231 23.79 2.61 -35.55
CA VAL A 231 23.43 1.69 -36.63
C VAL A 231 24.71 1.19 -37.29
N ILE A 232 24.92 -0.13 -37.25
CA ILE A 232 26.12 -0.73 -37.82
C ILE A 232 25.84 -1.54 -39.07
N ALA A 233 24.58 -1.73 -39.44
CA ALA A 233 24.24 -2.47 -40.65
C ALA A 233 22.95 -1.93 -41.24
N GLU A 234 22.77 -2.19 -42.54
CA GLU A 234 21.61 -1.69 -43.27
C GLU A 234 21.48 -2.40 -44.60
N GLY A 235 20.27 -2.81 -44.95
CA GLY A 235 20.01 -3.46 -46.21
C GLY A 235 19.08 -4.63 -46.03
N SER A 236 18.98 -5.45 -47.07
CA SER A 236 18.11 -6.62 -47.05
C SER A 236 18.62 -7.64 -46.04
N PRO A 237 17.75 -8.54 -45.57
CA PRO A 237 18.21 -9.57 -44.63
C PRO A 237 19.35 -10.42 -45.16
N GLN A 238 19.40 -10.64 -46.47
CA GLN A 238 20.54 -11.35 -47.03
C GLN A 238 21.84 -10.59 -46.82
N ASP A 239 21.80 -9.27 -46.99
CA ASP A 239 22.99 -8.46 -46.75
C ASP A 239 23.36 -8.40 -45.28
N ILE A 240 22.37 -8.44 -44.39
CA ILE A 240 22.66 -8.44 -42.95
C ILE A 240 23.38 -9.72 -42.56
N LEU A 241 22.93 -10.86 -43.09
CA LEU A 241 23.55 -12.13 -42.72
C LEU A 241 24.99 -12.22 -43.19
N GLU A 242 25.28 -11.72 -44.39
CA GLU A 242 26.64 -11.74 -44.91
C GLU A 242 27.55 -10.70 -44.27
N ASN A 243 27.00 -9.78 -43.50
CA ASN A 243 27.82 -8.75 -42.86
C ASN A 243 28.69 -9.37 -41.77
N GLU A 244 30.00 -9.19 -41.89
CA GLU A 244 30.90 -9.78 -40.90
C GLU A 244 30.88 -9.00 -39.59
N GLN A 245 30.45 -7.73 -39.62
CA GLN A 245 30.37 -6.95 -38.39
C GLN A 245 29.19 -7.38 -37.53
N VAL A 246 28.07 -7.73 -38.17
CA VAL A 246 26.90 -8.18 -37.42
C VAL A 246 27.16 -9.56 -36.83
N ARG A 247 27.73 -10.47 -37.63
CA ARG A 247 27.96 -11.83 -37.18
C ARG A 247 28.99 -11.92 -36.07
N LYS A 248 29.75 -10.85 -35.82
CA LYS A 248 30.71 -10.84 -34.73
C LYS A 248 30.11 -10.36 -33.41
N VAL A 249 29.09 -9.50 -33.47
CA VAL A 249 28.52 -8.91 -32.28
C VAL A 249 27.11 -9.40 -31.99
N TYR A 250 26.29 -9.67 -33.01
CA TYR A 250 24.88 -9.98 -32.81
C TYR A 250 24.52 -11.40 -33.20
N LEU A 251 24.78 -11.81 -34.44
CA LEU A 251 24.22 -13.06 -34.95
C LEU A 251 25.07 -14.28 -34.63
N GLY A 252 26.38 -14.11 -34.48
CA GLY A 252 27.26 -15.22 -34.19
C GLY A 252 27.75 -15.92 -35.47
N ASP A 253 28.71 -16.82 -35.27
CA ASP A 253 29.31 -17.52 -36.40
C ASP A 253 28.31 -18.41 -37.11
N ASP A 254 27.48 -19.13 -36.35
CA ASP A 254 26.51 -20.08 -36.90
C ASP A 254 25.11 -19.51 -36.73
N PHE A 255 24.50 -19.10 -37.84
CA PHE A 255 23.14 -18.56 -37.82
C PHE A 255 22.57 -18.64 -39.22
N THR A 256 21.30 -19.03 -39.31
CA THR A 256 20.60 -19.11 -40.58
C THR A 256 19.09 -18.99 -40.39
N GLN B 18 19.81 -40.48 -9.48
CA GLN B 18 18.59 -39.97 -8.87
C GLN B 18 17.55 -39.65 -9.92
N THR B 19 16.30 -39.99 -9.63
CA THR B 19 15.19 -39.79 -10.57
C THR B 19 14.11 -38.96 -9.90
N LEU B 20 13.63 -37.93 -10.61
CA LEU B 20 12.56 -37.08 -10.10
C LEU B 20 11.26 -37.49 -10.80
N CYS B 21 10.64 -38.53 -10.26
CA CYS B 21 9.36 -38.99 -10.80
C CYS B 21 8.27 -37.98 -10.51
N ILE B 22 7.53 -37.59 -11.54
CA ILE B 22 6.42 -36.65 -11.42
C ILE B 22 5.22 -37.26 -12.13
N LYS B 23 4.13 -37.45 -11.39
CA LYS B 23 2.99 -38.21 -11.89
C LYS B 23 1.70 -37.42 -11.71
N HIS B 24 0.94 -37.31 -12.81
CA HIS B 24 -0.47 -36.87 -12.78
C HIS B 24 -0.64 -35.52 -12.10
N LEU B 25 0.15 -34.55 -12.52
CA LEU B 25 -0.01 -33.18 -12.03
C LEU B 25 -1.36 -32.62 -12.51
N ALA B 26 -1.93 -31.75 -11.69
CA ALA B 26 -3.20 -31.12 -12.03
C ALA B 26 -3.37 -29.85 -11.22
N LYS B 27 -3.93 -28.83 -11.85
CA LYS B 27 -4.14 -27.54 -11.21
C LYS B 27 -5.21 -26.78 -11.98
N ASN B 28 -6.10 -26.11 -11.25
CA ASN B 28 -7.16 -25.32 -11.87
C ASN B 28 -7.05 -23.87 -11.44
N TYR B 29 -7.47 -22.98 -12.32
CA TYR B 29 -7.47 -21.54 -12.08
C TYR B 29 -8.78 -20.97 -12.61
N SER B 30 -9.50 -20.26 -11.74
CA SER B 30 -10.83 -19.74 -12.07
C SER B 30 -11.75 -20.85 -12.57
N LYS B 31 -11.70 -21.99 -11.88
CA LYS B 31 -12.54 -23.15 -12.19
C LYS B 31 -12.27 -23.69 -13.59
N ARG B 32 -11.05 -23.49 -14.10
CA ARG B 32 -10.62 -24.06 -15.37
C ARG B 32 -9.31 -24.79 -15.15
N TRP B 33 -9.28 -26.07 -15.51
CA TRP B 33 -8.11 -26.91 -15.26
C TRP B 33 -7.05 -26.59 -16.32
N VAL B 34 -6.08 -25.74 -15.94
CA VAL B 34 -5.00 -25.41 -16.86
C VAL B 34 -4.09 -26.60 -17.09
N VAL B 35 -3.87 -27.43 -16.06
CA VAL B 35 -3.03 -28.62 -16.15
C VAL B 35 -3.89 -29.83 -15.83
N LYS B 36 -3.87 -30.82 -16.72
CA LYS B 36 -4.67 -32.04 -16.56
C LYS B 36 -3.78 -33.25 -16.85
N ASP B 37 -3.33 -33.92 -15.79
CA ASP B 37 -2.57 -35.17 -15.89
C ASP B 37 -1.28 -34.98 -16.68
N VAL B 38 -0.42 -34.12 -16.16
CA VAL B 38 0.93 -33.95 -16.69
C VAL B 38 1.88 -34.82 -15.88
N SER B 39 2.55 -35.76 -16.54
CA SER B 39 3.44 -36.68 -15.86
C SER B 39 4.70 -36.88 -16.69
N PHE B 40 5.85 -36.69 -16.06
CA PHE B 40 7.13 -36.90 -16.73
C PHE B 40 8.17 -37.29 -15.70
N GLU B 41 9.24 -37.92 -16.17
CA GLU B 41 10.33 -38.41 -15.32
C GLU B 41 11.65 -37.79 -15.77
N MET B 42 12.45 -37.39 -14.80
CA MET B 42 13.75 -36.78 -15.04
C MET B 42 14.80 -37.49 -14.20
N GLN B 43 15.99 -37.65 -14.77
CA GLN B 43 17.10 -38.29 -14.08
C GLN B 43 18.24 -37.30 -13.89
N SER B 44 19.05 -37.56 -12.87
CA SER B 44 20.20 -36.70 -12.57
C SER B 44 21.22 -36.78 -13.70
N GLY B 45 21.89 -35.66 -13.94
CA GLY B 45 22.84 -35.60 -15.03
C GLY B 45 22.20 -35.75 -16.40
N GLN B 46 21.06 -35.12 -16.61
CA GLN B 46 20.32 -35.24 -17.87
C GLN B 46 19.47 -33.99 -18.07
N ILE B 47 19.51 -33.45 -19.28
CA ILE B 47 18.76 -32.25 -19.60
C ILE B 47 17.41 -32.66 -20.18
N VAL B 48 16.34 -32.19 -19.57
CA VAL B 48 14.97 -32.49 -19.99
C VAL B 48 14.25 -31.17 -20.23
N GLY B 49 13.72 -31.00 -21.44
CA GLY B 49 13.01 -29.78 -21.80
C GLY B 49 11.51 -29.96 -21.66
N LEU B 50 10.91 -29.11 -20.83
CA LEU B 50 9.46 -29.10 -20.64
C LEU B 50 8.89 -28.01 -21.54
N LEU B 51 8.43 -28.41 -22.71
CA LEU B 51 8.04 -27.50 -23.77
C LEU B 51 6.54 -27.59 -24.02
N GLY B 52 6.04 -26.72 -24.89
CA GLY B 52 4.65 -26.73 -25.25
C GLY B 52 4.14 -25.36 -25.64
N PRO B 53 2.90 -25.29 -26.13
CA PRO B 53 2.32 -23.99 -26.48
C PRO B 53 2.18 -23.09 -25.26
N ASN B 54 2.28 -21.78 -25.50
CA ASN B 54 2.17 -20.81 -24.42
C ASN B 54 0.78 -20.88 -23.79
N GLY B 55 0.72 -20.94 -22.47
CA GLY B 55 -0.53 -20.99 -21.76
C GLY B 55 -1.19 -22.35 -21.72
N ALA B 56 -0.57 -23.38 -22.29
CA ALA B 56 -1.15 -24.71 -22.32
C ALA B 56 -0.77 -25.54 -21.10
N GLY B 57 -0.05 -24.97 -20.15
CA GLY B 57 0.32 -25.67 -18.94
C GLY B 57 1.78 -26.03 -18.79
N LYS B 58 2.65 -25.60 -19.70
CA LYS B 58 4.07 -25.87 -19.54
C LYS B 58 4.67 -25.04 -18.40
N THR B 59 4.20 -23.81 -18.25
CA THR B 59 4.70 -22.96 -17.16
C THR B 59 4.11 -23.40 -15.82
N THR B 60 2.81 -23.68 -15.78
CA THR B 60 2.17 -24.07 -14.54
C THR B 60 2.68 -25.43 -14.05
N SER B 61 2.84 -26.38 -14.96
CA SER B 61 3.41 -27.67 -14.57
C SER B 61 4.85 -27.52 -14.12
N PHE B 62 5.59 -26.57 -14.69
CA PHE B 62 6.95 -26.31 -14.24
C PHE B 62 6.95 -25.74 -12.82
N TYR B 63 6.03 -24.83 -12.53
CA TYR B 63 6.03 -24.18 -11.22
C TYR B 63 5.59 -25.12 -10.11
N MET B 64 4.76 -26.12 -10.44
CA MET B 64 4.35 -27.08 -9.42
C MET B 64 5.47 -28.04 -9.08
N VAL B 65 6.43 -28.23 -9.98
CA VAL B 65 7.64 -28.96 -9.63
C VAL B 65 8.49 -28.15 -8.67
N VAL B 66 8.66 -26.85 -8.95
CA VAL B 66 9.44 -25.99 -8.07
C VAL B 66 8.76 -25.85 -6.72
N GLY B 67 7.47 -25.50 -6.72
CA GLY B 67 6.73 -25.33 -5.48
C GLY B 67 6.03 -23.99 -5.37
N LEU B 68 6.20 -23.12 -6.38
CA LEU B 68 5.52 -21.83 -6.34
C LEU B 68 4.01 -22.00 -6.37
N VAL B 69 3.52 -22.91 -7.22
CA VAL B 69 2.10 -23.14 -7.39
C VAL B 69 1.73 -24.41 -6.65
N ARG B 70 0.77 -24.31 -5.73
CA ARG B 70 0.38 -25.46 -4.94
C ARG B 70 -0.29 -26.50 -5.84
N MET B 71 0.00 -27.77 -5.57
CA MET B 71 -0.45 -28.88 -6.39
C MET B 71 -1.87 -29.27 -5.98
N ASP B 72 -2.81 -29.15 -6.91
CA ASP B 72 -4.17 -29.62 -6.65
C ASP B 72 -4.22 -31.14 -6.65
N LYS B 73 -3.57 -31.78 -7.62
CA LYS B 73 -3.47 -33.22 -7.69
C LYS B 73 -2.11 -33.58 -8.25
N GLY B 74 -1.55 -34.70 -7.79
CA GLY B 74 -0.29 -35.14 -8.33
C GLY B 74 0.66 -35.76 -7.32
N GLU B 75 1.74 -36.34 -7.81
CA GLU B 75 2.74 -37.00 -6.97
C GLU B 75 4.10 -36.68 -7.52
N ILE B 76 4.98 -36.13 -6.68
CA ILE B 76 6.35 -35.81 -7.06
C ILE B 76 7.27 -36.63 -6.17
N HIS B 77 8.05 -37.51 -6.79
CA HIS B 77 8.95 -38.41 -6.07
C HIS B 77 10.38 -38.14 -6.49
N LEU B 78 11.31 -38.33 -5.55
CA LEU B 78 12.75 -38.15 -5.86
C LEU B 78 13.51 -39.20 -5.04
N ASP B 79 13.90 -40.32 -5.69
CA ASP B 79 14.58 -41.42 -4.96
C ASP B 79 13.66 -41.92 -3.85
N ASN B 80 12.52 -42.53 -4.22
CA ASN B 80 11.55 -43.06 -3.24
C ASN B 80 11.43 -42.08 -2.06
N LEU B 81 11.06 -40.83 -2.35
CA LEU B 81 10.92 -39.83 -1.30
C LEU B 81 9.89 -38.82 -1.77
N ASP B 82 8.72 -38.80 -1.12
CA ASP B 82 7.61 -38.00 -1.60
C ASP B 82 7.84 -36.53 -1.29
N LEU B 83 7.97 -35.71 -2.34
CA LEU B 83 8.06 -34.28 -2.22
C LEU B 83 6.74 -33.57 -2.49
N SER B 84 5.64 -34.33 -2.58
CA SER B 84 4.36 -33.74 -2.93
C SER B 84 3.90 -32.73 -1.90
N ASP B 85 4.00 -33.07 -0.62
CA ASP B 85 3.50 -32.23 0.46
C ASP B 85 4.47 -31.13 0.86
N LEU B 86 5.74 -31.23 0.46
CA LEU B 86 6.73 -30.26 0.89
C LEU B 86 6.53 -28.92 0.19
N ALA B 87 6.96 -27.85 0.86
CA ALA B 87 6.86 -26.51 0.30
C ALA B 87 8.02 -26.27 -0.65
N MET B 88 8.19 -25.02 -1.09
CA MET B 88 9.30 -24.69 -1.98
C MET B 88 10.65 -24.93 -1.31
N HIS B 89 10.80 -24.47 -0.07
CA HIS B 89 12.08 -24.57 0.61
C HIS B 89 12.37 -25.98 1.10
N GLU B 90 11.33 -26.73 1.50
CA GLU B 90 11.55 -28.09 1.96
C GLU B 90 11.98 -29.00 0.81
N ARG B 91 11.54 -28.71 -0.41
CA ARG B 91 12.06 -29.42 -1.57
C ARG B 91 13.48 -28.99 -1.90
N ALA B 92 13.76 -27.68 -1.77
CA ALA B 92 15.08 -27.17 -2.11
C ALA B 92 16.15 -27.76 -1.22
N ARG B 93 15.82 -28.08 0.03
CA ARG B 93 16.79 -28.74 0.90
C ARG B 93 17.01 -30.19 0.51
N LYS B 94 16.11 -30.77 -0.29
CA LYS B 94 16.27 -32.13 -0.79
C LYS B 94 17.08 -32.20 -2.07
N GLY B 95 17.36 -31.05 -2.72
CA GLY B 95 18.21 -31.04 -3.87
C GLY B 95 17.55 -30.55 -5.16
N ILE B 96 16.56 -29.69 -5.05
CA ILE B 96 15.88 -29.12 -6.20
C ILE B 96 16.20 -27.63 -6.27
N GLY B 97 16.76 -27.18 -7.39
CA GLY B 97 17.12 -25.80 -7.55
C GLY B 97 16.20 -25.05 -8.49
N TYR B 98 16.15 -23.73 -8.35
CA TYR B 98 15.30 -22.89 -9.19
C TYR B 98 16.07 -21.65 -9.58
N LEU B 99 16.07 -21.33 -10.87
CA LEU B 99 16.72 -20.13 -11.39
C LEU B 99 15.68 -19.25 -12.06
N PRO B 100 15.21 -18.20 -11.39
CA PRO B 100 14.13 -17.38 -11.96
C PRO B 100 14.54 -16.72 -13.27
N GLN B 101 13.55 -16.56 -14.16
CA GLN B 101 13.81 -15.87 -15.42
C GLN B 101 14.19 -14.42 -15.19
N GLU B 102 13.49 -13.74 -14.29
CA GLU B 102 13.78 -12.35 -14.01
C GLU B 102 15.07 -12.24 -13.20
N ALA B 103 15.58 -11.02 -13.10
CA ALA B 103 16.79 -10.77 -12.33
C ALA B 103 16.53 -11.06 -10.86
N SER B 104 17.26 -12.02 -10.30
CA SER B 104 17.05 -12.46 -8.93
C SER B 104 18.32 -12.33 -8.09
N ILE B 105 19.30 -11.55 -8.55
CA ILE B 105 20.52 -11.35 -7.79
C ILE B 105 20.21 -10.44 -6.60
N PHE B 106 20.93 -10.66 -5.49
CA PHE B 106 20.82 -9.78 -4.34
C PHE B 106 21.44 -8.43 -4.70
N ARG B 107 20.60 -7.42 -4.89
CA ARG B 107 21.06 -6.18 -5.50
C ARG B 107 22.13 -5.49 -4.66
N LYS B 108 21.93 -5.42 -3.35
CA LYS B 108 22.81 -4.66 -2.47
C LYS B 108 23.96 -5.49 -1.92
N LEU B 109 24.09 -6.75 -2.35
CA LEU B 109 25.18 -7.61 -1.94
C LEU B 109 26.12 -7.82 -3.11
N THR B 110 27.43 -7.84 -2.83
CA THR B 110 28.40 -8.05 -3.88
C THR B 110 28.25 -9.46 -4.46
N ILE B 111 28.85 -9.65 -5.64
CA ILE B 111 28.75 -10.94 -6.32
C ILE B 111 29.36 -12.05 -5.46
N ALA B 112 30.51 -11.77 -4.83
CA ALA B 112 31.09 -12.76 -3.93
C ALA B 112 30.22 -12.98 -2.71
N GLU B 113 29.51 -11.95 -2.25
CA GLU B 113 28.63 -12.11 -1.10
C GLU B 113 27.36 -12.87 -1.47
N ASN B 114 26.92 -12.77 -2.73
CA ASN B 114 25.77 -13.55 -3.18
C ASN B 114 26.06 -15.04 -3.08
N ILE B 115 27.20 -15.47 -3.60
CA ILE B 115 27.58 -16.87 -3.53
C ILE B 115 27.89 -17.27 -2.09
N MET B 116 28.55 -16.38 -1.35
CA MET B 116 28.88 -16.67 0.04
C MET B 116 27.63 -16.68 0.91
N ALA B 117 26.59 -15.94 0.53
CA ALA B 117 25.35 -15.93 1.30
C ALA B 117 24.72 -17.31 1.34
N ILE B 118 24.73 -18.01 0.21
CA ILE B 118 24.16 -19.35 0.14
C ILE B 118 25.13 -20.42 0.60
N LEU B 119 26.44 -20.18 0.50
CA LEU B 119 27.41 -21.16 0.96
C LEU B 119 27.35 -21.36 2.46
N GLU B 120 27.06 -20.31 3.22
CA GLU B 120 26.91 -20.45 4.66
C GLU B 120 25.71 -21.28 5.04
N THR B 121 24.71 -21.38 4.16
CA THR B 121 23.56 -22.24 4.43
C THR B 121 23.98 -23.71 4.49
N ARG B 122 25.00 -24.09 3.74
CA ARG B 122 25.46 -25.47 3.73
C ARG B 122 25.95 -25.87 5.11
N LYS B 123 25.51 -27.04 5.57
CA LYS B 123 25.89 -27.53 6.89
C LYS B 123 27.16 -28.36 6.86
N ASP B 124 27.42 -29.08 5.78
CA ASP B 124 28.60 -29.93 5.66
C ASP B 124 29.83 -29.18 5.16
N LEU B 125 29.85 -27.85 5.27
CA LEU B 125 31.00 -27.04 4.91
C LEU B 125 31.39 -26.16 6.10
N ASN B 126 32.67 -26.16 6.43
CA ASN B 126 33.22 -25.29 7.47
C ASN B 126 33.78 -24.03 6.82
N LYS B 127 34.17 -23.08 7.68
CA LYS B 127 34.64 -21.78 7.18
C LYS B 127 35.87 -21.92 6.29
N GLN B 128 36.70 -22.94 6.52
CA GLN B 128 37.91 -23.09 5.74
C GLN B 128 37.61 -23.45 4.29
N GLN B 129 36.75 -24.45 4.08
CA GLN B 129 36.43 -24.89 2.73
C GLN B 129 35.32 -24.07 2.08
N ARG B 130 34.59 -23.27 2.85
CA ARG B 130 33.59 -22.38 2.25
C ARG B 130 34.28 -21.33 1.37
N GLN B 131 35.40 -20.78 1.84
CA GLN B 131 36.13 -19.80 1.05
C GLN B 131 36.77 -20.46 -0.17
N GLN B 132 37.26 -21.69 -0.01
CA GLN B 132 37.81 -22.42 -1.15
C GLN B 132 36.72 -22.72 -2.18
N ARG B 133 35.54 -23.14 -1.71
CA ARG B 133 34.43 -23.42 -2.62
C ARG B 133 33.97 -22.14 -3.30
N LEU B 134 33.94 -21.03 -2.58
CA LEU B 134 33.57 -19.75 -3.18
C LEU B 134 34.56 -19.34 -4.26
N GLN B 135 35.85 -19.58 -4.02
CA GLN B 135 36.88 -19.18 -4.98
C GLN B 135 36.73 -19.93 -6.30
N GLU B 136 36.48 -21.24 -6.23
CA GLU B 136 36.37 -22.04 -7.45
C GLU B 136 35.04 -21.82 -8.16
N LEU B 137 33.97 -21.53 -7.42
CA LEU B 137 32.71 -21.18 -8.06
C LEU B 137 32.84 -19.88 -8.85
N LEU B 138 33.56 -18.91 -8.29
CA LEU B 138 33.83 -17.68 -9.03
C LEU B 138 34.68 -17.95 -10.26
N ASN B 139 35.67 -18.84 -10.14
CA ASN B 139 36.55 -19.14 -11.27
C ASN B 139 35.83 -19.98 -12.32
N ASP B 140 34.91 -20.84 -11.90
CA ASP B 140 34.21 -21.70 -12.86
C ASP B 140 33.40 -20.89 -13.85
N PHE B 141 32.70 -19.85 -13.36
CA PHE B 141 31.84 -19.02 -14.19
C PHE B 141 32.50 -17.73 -14.62
N LYS B 142 33.78 -17.54 -14.30
CA LYS B 142 34.56 -16.38 -14.74
C LYS B 142 33.91 -15.07 -14.31
N ILE B 143 33.51 -15.01 -13.04
CA ILE B 143 32.99 -13.79 -12.45
C ILE B 143 33.91 -13.25 -11.36
N THR B 144 35.18 -13.66 -11.38
CA THR B 144 36.13 -13.19 -10.37
C THR B 144 36.36 -11.70 -10.46
N HIS B 145 36.42 -11.16 -11.69
CA HIS B 145 36.71 -9.74 -11.87
C HIS B 145 35.61 -8.85 -11.35
N ILE B 146 34.40 -9.38 -11.13
CA ILE B 146 33.29 -8.61 -10.58
C ILE B 146 32.88 -9.13 -9.20
N LYS B 147 33.76 -9.90 -8.54
CA LYS B 147 33.41 -10.46 -7.25
C LYS B 147 33.19 -9.40 -6.18
N ASP B 148 33.71 -8.20 -6.37
CA ASP B 148 33.56 -7.14 -5.39
C ASP B 148 32.55 -6.08 -5.81
N SER B 149 31.96 -6.21 -6.99
CA SER B 149 30.95 -5.26 -7.45
C SER B 149 29.56 -5.69 -7.00
N LEU B 150 28.71 -4.71 -6.73
CA LEU B 150 27.36 -4.99 -6.27
C LEU B 150 26.58 -5.73 -7.34
N GLY B 151 25.67 -6.61 -6.91
CA GLY B 151 24.88 -7.38 -7.84
C GLY B 151 23.97 -6.55 -8.71
N MET B 152 23.66 -5.32 -8.29
CA MET B 152 22.81 -4.44 -9.07
C MET B 152 23.55 -3.69 -10.16
N SER B 153 24.88 -3.80 -10.21
CA SER B 153 25.71 -3.05 -11.14
C SER B 153 26.59 -3.96 -11.98
N VAL B 154 26.00 -5.04 -12.51
CA VAL B 154 26.70 -5.96 -13.38
C VAL B 154 25.86 -6.21 -14.62
N SER B 155 26.52 -6.66 -15.68
CA SER B 155 25.85 -6.91 -16.94
C SER B 155 24.86 -8.07 -16.82
N GLY B 156 23.86 -8.07 -17.69
CA GLY B 156 22.88 -9.14 -17.68
C GLY B 156 23.49 -10.50 -17.90
N GLY B 157 24.47 -10.59 -18.82
CA GLY B 157 25.19 -11.84 -19.00
C GLY B 157 26.04 -12.20 -17.80
N GLU B 158 26.68 -11.20 -17.18
CA GLU B 158 27.52 -11.45 -16.02
C GLU B 158 26.67 -11.76 -14.79
N ARG B 159 25.54 -11.08 -14.64
CA ARG B 159 24.67 -11.33 -13.50
C ARG B 159 24.09 -12.73 -13.54
N ARG B 160 23.66 -13.18 -14.72
CA ARG B 160 23.07 -14.50 -14.84
C ARG B 160 24.07 -15.60 -14.51
N ARG B 161 25.35 -15.39 -14.82
CA ARG B 161 26.37 -16.33 -14.40
C ARG B 161 26.54 -16.35 -12.89
N ALA B 162 26.34 -15.20 -12.24
CA ALA B 162 26.40 -15.15 -10.78
C ALA B 162 25.17 -15.76 -10.13
N GLU B 163 24.02 -15.72 -10.81
CA GLU B 163 22.83 -16.36 -10.27
C GLU B 163 22.94 -17.89 -10.34
N ILE B 164 23.52 -18.41 -11.42
CA ILE B 164 23.73 -19.84 -11.53
C ILE B 164 24.81 -20.30 -10.57
N ALA B 165 25.88 -19.52 -10.42
CA ALA B 165 26.91 -19.85 -9.45
C ALA B 165 26.36 -19.81 -8.04
N ARG B 166 25.48 -18.85 -7.74
CA ARG B 166 24.84 -18.80 -6.43
C ARG B 166 23.95 -20.01 -6.21
N ALA B 167 23.21 -20.42 -7.24
CA ALA B 167 22.34 -21.59 -7.12
C ALA B 167 23.15 -22.86 -6.89
N LEU B 168 24.31 -22.97 -7.54
CA LEU B 168 25.18 -24.12 -7.34
C LEU B 168 25.85 -24.11 -5.96
N ALA B 169 25.82 -22.99 -5.24
CA ALA B 169 26.38 -22.97 -3.90
C ALA B 169 25.57 -23.83 -2.94
N ALA B 170 24.29 -24.02 -3.22
CA ALA B 170 23.42 -24.85 -2.39
C ALA B 170 23.53 -26.33 -2.73
N ASP B 171 24.36 -26.70 -3.71
CA ASP B 171 24.58 -28.07 -4.15
C ASP B 171 23.27 -28.73 -4.54
N PRO B 172 22.63 -28.29 -5.62
CA PRO B 172 21.37 -28.90 -6.03
C PRO B 172 21.60 -30.17 -6.85
N LYS B 173 20.63 -31.07 -6.76
CA LYS B 173 20.65 -32.28 -7.58
C LYS B 173 19.89 -32.11 -8.87
N PHE B 174 18.87 -31.25 -8.88
CA PHE B 174 18.07 -30.97 -10.08
C PHE B 174 17.87 -29.48 -10.18
N MET B 175 18.46 -28.85 -11.19
CA MET B 175 18.36 -27.42 -11.40
C MET B 175 17.26 -27.16 -12.42
N LEU B 176 16.15 -26.56 -11.97
CA LEU B 176 15.02 -26.24 -12.83
C LEU B 176 15.20 -24.82 -13.35
N LEU B 177 15.60 -24.70 -14.62
CA LEU B 177 15.82 -23.40 -15.24
C LEU B 177 14.53 -22.91 -15.85
N ASP B 178 14.17 -21.66 -15.55
CA ASP B 178 12.98 -21.03 -16.09
C ASP B 178 13.40 -20.00 -17.13
N GLU B 179 13.09 -20.27 -18.40
CA GLU B 179 13.36 -19.35 -19.49
C GLU B 179 14.84 -18.95 -19.55
N PRO B 180 15.75 -19.91 -19.75
CA PRO B 180 17.18 -19.54 -19.80
C PRO B 180 17.54 -18.72 -21.01
N PHE B 181 16.95 -19.00 -22.17
CA PHE B 181 17.20 -18.22 -23.39
C PHE B 181 16.16 -17.11 -23.54
N ALA B 182 16.04 -16.30 -22.49
CA ALA B 182 15.12 -15.17 -22.47
C ALA B 182 15.90 -13.90 -22.66
N GLY B 183 15.63 -13.20 -23.76
CA GLY B 183 16.39 -11.98 -24.07
C GLY B 183 17.85 -12.24 -24.32
N VAL B 184 18.17 -13.38 -24.92
CA VAL B 184 19.56 -13.77 -25.20
C VAL B 184 19.78 -13.67 -26.70
N ASP B 185 20.78 -12.88 -27.09
CA ASP B 185 21.10 -12.69 -28.49
C ASP B 185 21.67 -13.98 -29.08
N PRO B 186 21.56 -14.17 -30.39
CA PRO B 186 22.09 -15.40 -31.01
C PRO B 186 23.59 -15.57 -30.83
N ILE B 187 24.34 -14.49 -30.58
CA ILE B 187 25.76 -14.63 -30.34
C ILE B 187 26.01 -15.31 -29.00
N SER B 188 25.20 -14.98 -27.99
CA SER B 188 25.40 -15.48 -26.63
C SER B 188 24.51 -16.66 -26.31
N VAL B 189 23.76 -17.19 -27.28
CA VAL B 189 22.99 -18.40 -27.03
C VAL B 189 23.91 -19.59 -26.83
N GLY B 190 25.09 -19.56 -27.45
CA GLY B 190 26.08 -20.60 -27.22
C GLY B 190 26.62 -20.58 -25.80
N ASP B 191 26.74 -19.39 -25.21
CA ASP B 191 27.22 -19.28 -23.84
C ASP B 191 26.24 -19.93 -22.87
N ILE B 192 24.94 -19.73 -23.08
CA ILE B 192 23.94 -20.35 -22.21
C ILE B 192 23.94 -21.86 -22.38
N LYS B 193 24.08 -22.33 -23.62
CA LYS B 193 24.14 -23.78 -23.86
C LYS B 193 25.37 -24.38 -23.19
N ASP B 194 26.50 -23.68 -23.25
CA ASP B 194 27.71 -24.17 -22.59
C ASP B 194 27.50 -24.25 -21.08
N ILE B 195 26.81 -23.27 -20.50
CA ILE B 195 26.50 -23.32 -19.07
C ILE B 195 25.61 -24.51 -18.77
N ILE B 196 24.52 -24.67 -19.53
CA ILE B 196 23.59 -25.76 -19.27
C ILE B 196 24.27 -27.11 -19.47
N ARG B 197 25.10 -27.23 -20.51
CA ARG B 197 25.87 -28.46 -20.69
C ARG B 197 26.84 -28.67 -19.53
N ASN B 198 27.35 -27.58 -18.94
CA ASN B 198 28.24 -27.71 -17.80
C ASN B 198 27.51 -28.23 -16.56
N LEU B 199 26.26 -27.82 -16.36
CA LEU B 199 25.47 -28.34 -15.25
C LEU B 199 25.24 -29.84 -15.38
N LYS B 200 24.98 -30.32 -16.60
CA LYS B 200 24.83 -31.76 -16.80
C LYS B 200 26.13 -32.49 -16.51
N ASP B 201 27.26 -31.95 -16.96
CA ASP B 201 28.55 -32.59 -16.69
C ASP B 201 28.92 -32.56 -15.22
N ARG B 202 28.27 -31.70 -14.43
CA ARG B 202 28.51 -31.64 -13.00
C ARG B 202 27.63 -32.60 -12.21
N GLY B 203 26.81 -33.40 -12.89
CA GLY B 203 25.93 -34.33 -12.22
C GLY B 203 24.60 -33.77 -11.80
N ILE B 204 24.17 -32.65 -12.39
CA ILE B 204 22.92 -31.99 -12.02
C ILE B 204 21.96 -32.14 -13.19
N GLY B 205 20.80 -32.74 -12.93
CA GLY B 205 19.75 -32.77 -13.93
C GLY B 205 19.15 -31.41 -14.12
N VAL B 206 18.84 -31.08 -15.38
CA VAL B 206 18.35 -29.75 -15.75
C VAL B 206 16.98 -29.89 -16.39
N LEU B 207 16.01 -29.16 -15.85
CA LEU B 207 14.68 -29.07 -16.44
C LEU B 207 14.50 -27.67 -17.01
N ILE B 208 14.27 -27.60 -18.32
CA ILE B 208 14.21 -26.33 -19.03
C ILE B 208 12.79 -26.15 -19.56
N THR B 209 12.16 -25.05 -19.18
CA THR B 209 10.95 -24.57 -19.83
C THR B 209 11.27 -23.26 -20.53
N ASP B 210 10.87 -23.15 -21.79
CA ASP B 210 11.27 -22.00 -22.57
C ASP B 210 10.31 -21.79 -23.72
N HIS B 211 10.10 -20.51 -24.06
CA HIS B 211 9.36 -20.17 -25.27
C HIS B 211 10.21 -20.37 -26.51
N ASN B 212 11.52 -20.16 -26.41
CA ASN B 212 12.44 -20.37 -27.52
C ASN B 212 12.65 -21.88 -27.67
N VAL B 213 11.86 -22.49 -28.56
CA VAL B 213 11.91 -23.93 -28.73
C VAL B 213 12.97 -24.36 -29.73
N ARG B 214 13.47 -23.43 -30.57
CA ARG B 214 14.49 -23.80 -31.55
C ARG B 214 15.78 -24.25 -30.86
N GLU B 215 16.19 -23.54 -29.82
CA GLU B 215 17.43 -23.87 -29.13
C GLU B 215 17.22 -24.80 -27.94
N THR B 216 16.04 -24.82 -27.34
CA THR B 216 15.77 -25.75 -26.25
C THR B 216 15.74 -27.19 -26.75
N LEU B 217 15.32 -27.40 -28.00
CA LEU B 217 15.36 -28.71 -28.63
C LEU B 217 16.75 -29.06 -29.16
N ALA B 218 17.77 -28.30 -28.80
CA ALA B 218 19.12 -28.56 -29.27
C ALA B 218 20.07 -29.04 -28.17
N ILE B 219 19.71 -28.86 -26.90
CA ILE B 219 20.55 -29.30 -25.79
C ILE B 219 19.84 -30.40 -25.01
N CYS B 220 18.52 -30.36 -24.98
CA CYS B 220 17.76 -31.32 -24.21
C CYS B 220 17.86 -32.71 -24.81
N GLU B 221 18.01 -33.71 -23.95
CA GLU B 221 18.11 -35.10 -24.38
C GLU B 221 16.75 -35.79 -24.44
N HIS B 222 15.74 -35.24 -23.78
CA HIS B 222 14.43 -35.89 -23.69
C HIS B 222 13.42 -34.80 -23.38
N ALA B 223 12.56 -34.47 -24.34
CA ALA B 223 11.67 -33.33 -24.24
C ALA B 223 10.23 -33.79 -24.05
N TYR B 224 9.47 -33.03 -23.28
CA TYR B 224 8.05 -33.28 -23.04
C TYR B 224 7.26 -32.10 -23.58
N ILE B 225 6.39 -32.35 -24.55
CA ILE B 225 5.52 -31.34 -25.11
C ILE B 225 4.15 -31.48 -24.44
N VAL B 226 3.72 -30.43 -23.74
CA VAL B 226 2.43 -30.43 -23.05
C VAL B 226 1.52 -29.43 -23.76
N SER B 227 0.36 -29.93 -24.20
CA SER B 227 -0.63 -29.10 -24.86
C SER B 227 -2.01 -29.44 -24.31
N GLU B 228 -2.85 -28.43 -24.19
CA GLU B 228 -4.20 -28.57 -23.62
C GLU B 228 -4.16 -29.14 -22.21
N GLY B 229 -3.07 -28.86 -21.48
CA GLY B 229 -2.94 -29.29 -20.11
C GLY B 229 -2.43 -30.70 -19.91
N ALA B 230 -2.10 -31.43 -20.96
CA ALA B 230 -1.63 -32.80 -20.84
C ALA B 230 -0.43 -33.01 -21.77
N VAL B 231 0.39 -33.99 -21.41
CA VAL B 231 1.57 -34.32 -22.21
C VAL B 231 1.11 -35.01 -23.49
N ILE B 232 1.38 -34.38 -24.63
CA ILE B 232 0.95 -34.92 -25.91
C ILE B 232 2.07 -35.66 -26.65
N ALA B 233 3.32 -35.49 -26.24
CA ALA B 233 4.43 -36.19 -26.87
C ALA B 233 5.58 -36.31 -25.89
N GLU B 234 6.52 -37.19 -26.21
CA GLU B 234 7.61 -37.53 -25.31
C GLU B 234 8.72 -38.18 -26.11
N GLY B 235 9.96 -37.87 -25.76
CA GLY B 235 11.10 -38.51 -26.37
C GLY B 235 12.19 -37.51 -26.68
N SER B 236 13.14 -37.95 -27.51
CA SER B 236 14.25 -37.10 -27.91
C SER B 236 13.76 -35.99 -28.83
N PRO B 237 14.54 -34.92 -28.99
CA PRO B 237 14.13 -33.85 -29.92
C PRO B 237 13.90 -34.33 -31.33
N GLN B 238 14.62 -35.35 -31.78
CA GLN B 238 14.36 -35.91 -33.11
C GLN B 238 12.96 -36.49 -33.21
N ASP B 239 12.53 -37.22 -32.17
CA ASP B 239 11.18 -37.78 -32.18
C ASP B 239 10.12 -36.69 -32.01
N ILE B 240 10.43 -35.62 -31.27
CA ILE B 240 9.47 -34.54 -31.10
C ILE B 240 9.16 -33.86 -32.42
N LEU B 241 10.21 -33.63 -33.24
CA LEU B 241 10.01 -32.96 -34.51
C LEU B 241 9.12 -33.78 -35.44
N GLU B 242 9.35 -35.09 -35.51
CA GLU B 242 8.54 -35.98 -36.35
C GLU B 242 7.36 -36.55 -35.59
N ASN B 243 6.58 -35.68 -34.94
CA ASN B 243 5.39 -36.06 -34.22
C ASN B 243 4.20 -35.31 -34.84
N GLU B 244 3.22 -36.07 -35.31
CA GLU B 244 2.10 -35.45 -36.03
C GLU B 244 1.31 -34.51 -35.13
N GLN B 245 1.05 -34.91 -33.89
CA GLN B 245 0.26 -34.07 -32.99
C GLN B 245 1.04 -32.81 -32.63
N VAL B 246 2.35 -32.93 -32.38
CA VAL B 246 3.16 -31.76 -32.07
C VAL B 246 3.28 -30.85 -33.28
N ARG B 247 3.51 -31.43 -34.46
CA ARG B 247 3.60 -30.64 -35.69
C ARG B 247 2.29 -29.91 -35.96
N LYS B 248 1.16 -30.58 -35.73
CA LYS B 248 -0.13 -29.96 -36.01
C LYS B 248 -0.46 -28.85 -35.02
N VAL B 249 -0.05 -29.01 -33.76
CA VAL B 249 -0.50 -28.15 -32.68
C VAL B 249 0.54 -27.09 -32.33
N TYR B 250 1.81 -27.48 -32.20
CA TYR B 250 2.83 -26.61 -31.64
C TYR B 250 3.85 -26.15 -32.67
N LEU B 251 4.54 -27.07 -33.35
CA LEU B 251 5.69 -26.69 -34.15
C LEU B 251 5.32 -26.18 -35.53
N GLY B 252 4.19 -26.60 -36.08
CA GLY B 252 3.81 -26.23 -37.43
C GLY B 252 4.40 -27.15 -38.48
N ASP B 253 3.90 -27.00 -39.71
CA ASP B 253 4.33 -27.86 -40.79
C ASP B 253 5.81 -27.65 -41.12
N ASP B 254 6.27 -26.41 -41.08
CA ASP B 254 7.66 -26.07 -41.36
C ASP B 254 8.36 -25.70 -40.05
N PHE B 255 9.52 -26.30 -39.82
CA PHE B 255 10.30 -26.02 -38.62
C PHE B 255 11.76 -26.42 -38.79
N ILE C 2 -18.01 6.80 -27.33
CA ILE C 2 -17.71 5.51 -26.72
C ILE C 2 -16.54 5.65 -25.76
N ILE C 3 -15.58 6.51 -26.12
CA ILE C 3 -14.42 6.70 -25.26
C ILE C 3 -14.76 7.62 -24.10
N ARG C 4 -15.75 8.50 -24.26
CA ARG C 4 -16.19 9.31 -23.14
C ARG C 4 -17.03 8.49 -22.16
N ARG C 5 -17.92 7.65 -22.67
CA ARG C 5 -18.72 6.78 -21.81
C ARG C 5 -17.85 5.73 -21.13
N TYR C 6 -16.78 5.29 -21.79
CA TYR C 6 -15.84 4.37 -21.17
C TYR C 6 -15.17 4.98 -19.95
N LEU C 7 -14.77 6.25 -20.06
CA LEU C 7 -14.07 6.91 -18.97
C LEU C 7 -15.03 7.30 -17.84
N VAL C 8 -16.21 7.83 -18.19
CA VAL C 8 -17.15 8.26 -17.16
C VAL C 8 -17.58 7.08 -16.31
N LYS C 9 -17.85 5.93 -16.93
CA LYS C 9 -18.22 4.75 -16.17
C LYS C 9 -17.10 4.30 -15.26
N GLN C 10 -15.85 4.40 -15.72
CA GLN C 10 -14.72 4.00 -14.89
C GLN C 10 -14.49 4.97 -13.74
N VAL C 11 -14.56 6.27 -14.03
CA VAL C 11 -14.29 7.28 -13.00
C VAL C 11 -15.38 7.27 -11.95
N VAL C 12 -16.64 7.21 -12.37
CA VAL C 12 -17.76 7.19 -11.42
C VAL C 12 -17.69 5.95 -10.53
N SER C 13 -17.38 4.80 -11.13
CA SER C 13 -17.32 3.56 -10.35
C SER C 13 -16.22 3.60 -9.31
N THR C 14 -15.02 4.05 -9.69
CA THR C 14 -13.91 4.05 -8.73
C THR C 14 -13.89 5.28 -7.85
N SER C 15 -14.58 6.36 -8.23
CA SER C 15 -14.71 7.49 -7.32
C SER C 15 -15.71 7.19 -6.21
N LEU C 16 -16.81 6.50 -6.55
CA LEU C 16 -17.77 6.11 -5.52
C LEU C 16 -17.18 5.09 -4.56
N VAL C 17 -16.30 4.22 -5.04
CA VAL C 17 -15.60 3.30 -4.16
C VAL C 17 -14.67 4.06 -3.23
N VAL C 18 -13.90 5.01 -3.77
CA VAL C 18 -12.99 5.79 -2.94
C VAL C 18 -13.77 6.68 -1.97
N ILE C 19 -14.86 7.29 -2.45
CA ILE C 19 -15.67 8.14 -1.58
C ILE C 19 -16.26 7.32 -0.44
N ALA C 20 -16.80 6.13 -0.76
CA ALA C 20 -17.31 5.25 0.29
C ALA C 20 -16.18 4.70 1.15
N LEU C 21 -14.98 4.61 0.60
CA LEU C 21 -13.84 4.16 1.38
C LEU C 21 -13.33 5.25 2.32
N LEU C 22 -13.37 6.50 1.87
CA LEU C 22 -12.95 7.62 2.71
C LEU C 22 -14.00 7.97 3.75
N THR C 23 -15.28 7.86 3.41
CA THR C 23 -16.35 8.08 4.38
C THR C 23 -16.24 7.07 5.52
N LEU C 24 -15.95 5.81 5.19
CA LEU C 24 -15.78 4.78 6.21
C LEU C 24 -14.57 5.06 7.08
N ILE C 25 -13.56 5.74 6.55
CA ILE C 25 -12.33 5.99 7.29
C ILE C 25 -12.36 7.34 7.98
N MET C 26 -12.75 8.39 7.26
CA MET C 26 -12.76 9.73 7.84
C MET C 26 -13.80 9.85 8.96
N MET C 27 -14.98 9.28 8.75
CA MET C 27 -16.00 9.36 9.79
C MET C 27 -16.10 8.11 10.64
N GLY C 28 -15.47 7.01 10.21
CA GLY C 28 -15.28 5.89 11.12
C GLY C 28 -14.35 6.24 12.25
N GLY C 29 -13.32 7.05 11.98
CA GLY C 29 -12.46 7.52 13.04
C GLY C 29 -13.16 8.47 14.00
N ARG C 30 -14.01 9.34 13.47
CA ARG C 30 -14.75 10.27 14.33
C ARG C 30 -15.84 9.54 15.10
N LEU C 31 -16.49 8.55 14.48
CA LEU C 31 -17.51 7.79 15.17
C LEU C 31 -16.92 7.01 16.34
N ILE C 32 -15.71 6.46 16.16
CA ILE C 32 -15.04 5.79 17.25
C ILE C 32 -14.65 6.79 18.34
N LYS C 33 -14.17 7.97 17.94
CA LYS C 33 -13.86 9.01 18.91
C LYS C 33 -15.11 9.46 19.66
N TYR C 34 -16.23 9.60 18.96
CA TYR C 34 -17.50 9.90 19.62
C TYR C 34 -17.89 8.79 20.59
N PHE C 35 -17.66 7.54 20.19
CA PHE C 35 -17.92 6.42 21.08
C PHE C 35 -17.03 6.47 22.31
N GLY C 36 -15.81 7.01 22.18
CA GLY C 36 -14.94 7.17 23.33
C GLY C 36 -15.49 8.16 24.33
N VAL C 37 -16.09 9.25 23.84
CA VAL C 37 -16.75 10.20 24.72
C VAL C 37 -17.97 9.56 25.37
N ALA C 38 -18.74 8.79 24.60
CA ALA C 38 -19.94 8.16 25.13
C ALA C 38 -19.62 7.11 26.19
N ALA C 39 -18.46 6.45 26.09
CA ALA C 39 -18.08 5.45 27.07
C ALA C 39 -17.81 6.06 28.45
N GLN C 40 -17.53 7.36 28.50
CA GLN C 40 -17.28 8.05 29.76
C GLN C 40 -18.49 8.83 30.26
N GLY C 41 -19.64 8.69 29.60
CA GLY C 41 -20.86 9.35 30.03
C GLY C 41 -21.01 10.78 29.58
N ARG C 42 -20.04 11.33 28.86
CA ARG C 42 -20.11 12.73 28.43
C ARG C 42 -20.93 12.91 27.16
N LEU C 43 -21.60 11.86 26.68
CA LEU C 43 -22.39 11.93 25.46
C LEU C 43 -23.29 10.70 25.40
N ASP C 44 -24.57 10.92 25.08
CA ASP C 44 -25.50 9.81 25.02
C ASP C 44 -25.10 8.81 23.95
N ALA C 45 -25.04 7.53 24.33
CA ALA C 45 -24.64 6.50 23.39
C ALA C 45 -25.68 6.28 22.29
N GLY C 46 -26.94 6.68 22.53
CA GLY C 46 -27.98 6.49 21.55
C GLY C 46 -28.12 7.57 20.52
N VAL C 47 -27.38 8.67 20.65
CA VAL C 47 -27.46 9.79 19.73
C VAL C 47 -26.23 9.91 18.86
N LEU C 48 -25.14 9.21 19.18
CA LEU C 48 -23.90 9.34 18.43
C LEU C 48 -24.05 8.86 16.98
N PHE C 49 -25.10 8.11 16.66
CA PHE C 49 -25.39 7.83 15.27
C PHE C 49 -26.15 8.97 14.59
N SER C 50 -26.83 9.81 15.35
CA SER C 50 -27.44 11.00 14.79
C SER C 50 -26.41 12.08 14.52
N ILE C 51 -25.34 12.13 15.33
CA ILE C 51 -24.27 13.09 15.09
C ILE C 51 -23.57 12.79 13.76
N ILE C 52 -23.32 11.50 13.49
CA ILE C 52 -22.71 11.11 12.23
C ILE C 52 -23.63 11.44 11.06
N GLY C 53 -24.94 11.29 11.26
CA GLY C 53 -25.88 11.66 10.21
C GLY C 53 -25.83 13.14 9.88
N TYR C 54 -25.68 13.99 10.89
CA TYR C 54 -25.65 15.43 10.68
C TYR C 54 -24.29 15.95 10.25
N ARG C 55 -23.24 15.14 10.36
CA ARG C 55 -21.92 15.51 9.87
C ARG C 55 -21.59 14.84 8.55
N MET C 56 -22.55 14.13 7.94
CA MET C 56 -22.36 13.62 6.58
C MET C 56 -22.03 14.74 5.59
N PRO C 57 -22.79 15.83 5.50
CA PRO C 57 -22.44 16.86 4.53
C PRO C 57 -21.14 17.59 4.83
N GLU C 58 -20.72 17.62 6.09
CA GLU C 58 -19.48 18.29 6.45
C GLU C 58 -18.26 17.53 5.94
N PHE C 59 -18.24 16.22 6.17
CA PHE C 59 -17.11 15.41 5.72
C PHE C 59 -17.15 15.19 4.22
N LEU C 60 -18.33 14.92 3.67
CA LEU C 60 -18.46 14.72 2.23
C LEU C 60 -18.11 15.98 1.45
N THR C 61 -18.07 17.13 2.12
CA THR C 61 -17.59 18.35 1.48
C THR C 61 -16.12 18.22 1.11
N LEU C 62 -15.33 17.52 1.94
CA LEU C 62 -13.92 17.30 1.68
C LEU C 62 -13.66 16.01 0.90
N ILE C 63 -14.44 14.96 1.19
CA ILE C 63 -14.20 13.66 0.56
C ILE C 63 -14.53 13.71 -0.93
N LEU C 64 -15.58 14.45 -1.31
CA LEU C 64 -15.98 14.49 -2.70
C LEU C 64 -14.91 15.04 -3.63
N PRO C 65 -14.27 16.18 -3.34
CA PRO C 65 -13.11 16.57 -4.16
C PRO C 65 -11.96 15.58 -4.06
N LEU C 66 -11.77 14.99 -2.88
CA LEU C 66 -10.69 14.02 -2.70
C LEU C 66 -11.02 12.69 -3.37
N GLY C 67 -12.27 12.25 -3.30
CA GLY C 67 -12.66 11.04 -3.99
C GLY C 67 -12.61 11.20 -5.49
N PHE C 68 -13.03 12.35 -6.00
CA PHE C 68 -12.95 12.62 -7.43
C PHE C 68 -11.50 12.70 -7.88
N PHE C 69 -10.64 13.35 -7.10
CA PHE C 69 -9.24 13.45 -7.45
C PHE C 69 -8.55 12.09 -7.45
N ILE C 70 -8.77 11.30 -6.39
CA ILE C 70 -8.16 9.98 -6.31
C ILE C 70 -8.73 9.06 -7.38
N GLY C 71 -10.06 9.09 -7.57
CA GLY C 71 -10.67 8.26 -8.59
C GLY C 71 -10.23 8.62 -9.99
N LEU C 72 -9.88 9.88 -10.21
CA LEU C 72 -9.38 10.30 -11.52
C LEU C 72 -7.99 9.75 -11.79
N MET C 73 -7.12 9.76 -10.79
CA MET C 73 -5.75 9.28 -10.98
C MET C 73 -5.68 7.77 -11.02
N LEU C 74 -6.58 7.07 -10.32
CA LEU C 74 -6.62 5.61 -10.42
C LEU C 74 -7.06 5.18 -11.82
N VAL C 75 -8.05 5.86 -12.39
CA VAL C 75 -8.47 5.55 -13.76
C VAL C 75 -7.37 5.89 -14.75
N PHE C 76 -6.82 7.10 -14.66
CA PHE C 76 -5.76 7.49 -15.58
C PHE C 76 -4.48 6.73 -15.33
N GLY C 77 -4.26 6.28 -14.09
CA GLY C 77 -3.15 5.39 -13.82
C GLY C 77 -3.35 4.02 -14.45
N ARG C 78 -4.58 3.51 -14.42
CA ARG C 78 -4.87 2.22 -15.02
C ARG C 78 -4.69 2.25 -16.53
N LEU C 79 -5.10 3.34 -17.18
CA LEU C 79 -4.90 3.45 -18.62
C LEU C 79 -3.42 3.44 -18.98
N TYR C 80 -2.58 4.05 -18.15
CA TYR C 80 -1.15 4.03 -18.40
C TYR C 80 -0.53 2.67 -18.09
N VAL C 81 -0.97 2.04 -17.00
CA VAL C 81 -0.34 0.80 -16.54
C VAL C 81 -0.57 -0.32 -17.53
N ASP C 82 -1.82 -0.52 -17.96
CA ASP C 82 -2.16 -1.60 -18.87
C ASP C 82 -2.23 -1.15 -20.33
N HIS C 83 -1.45 -0.13 -20.69
CA HIS C 83 -1.15 0.23 -22.08
C HIS C 83 -2.39 0.65 -22.87
N GLU C 84 -3.47 1.06 -22.20
CA GLU C 84 -4.59 1.62 -22.93
C GLU C 84 -4.38 3.09 -23.29
N MET C 85 -3.38 3.74 -22.70
CA MET C 85 -3.06 5.11 -23.06
C MET C 85 -2.11 5.20 -24.24
N ALA C 86 -1.22 4.22 -24.41
CA ALA C 86 -0.36 4.20 -25.58
C ALA C 86 -1.16 4.01 -26.86
N VAL C 87 -2.26 3.25 -26.79
CA VAL C 87 -3.12 3.08 -27.96
C VAL C 87 -4.16 4.18 -28.10
N LEU C 88 -4.37 4.99 -27.05
CA LEU C 88 -5.20 6.17 -27.16
C LEU C 88 -4.40 7.37 -27.66
N ASN C 89 -3.20 7.56 -27.11
CA ASN C 89 -2.30 8.56 -27.69
C ASN C 89 -1.88 8.16 -29.10
N GLY C 90 -1.60 6.88 -29.32
CA GLY C 90 -1.21 6.40 -30.63
C GLY C 90 -2.31 6.43 -31.65
N SER C 91 -3.55 6.74 -31.25
CA SER C 91 -4.67 6.89 -32.16
C SER C 91 -5.08 8.34 -32.35
N GLY C 92 -4.39 9.28 -31.70
CA GLY C 92 -4.68 10.69 -31.83
C GLY C 92 -5.42 11.34 -30.68
N ILE C 93 -5.65 10.60 -29.59
CA ILE C 93 -6.38 11.12 -28.43
C ILE C 93 -5.39 11.31 -27.30
N SER C 94 -5.09 12.56 -26.97
CA SER C 94 -4.10 12.86 -25.95
C SER C 94 -4.67 12.59 -24.57
N ARG C 95 -3.83 12.81 -23.55
CA ARG C 95 -4.32 12.72 -22.17
C ARG C 95 -5.13 13.95 -21.79
N ILE C 96 -4.75 15.11 -22.31
CA ILE C 96 -5.52 16.33 -22.07
C ILE C 96 -6.90 16.20 -22.70
N ARG C 97 -6.97 15.60 -23.90
CA ARG C 97 -8.27 15.39 -24.54
C ARG C 97 -9.12 14.42 -23.73
N LEU C 98 -8.51 13.40 -23.14
CA LEU C 98 -9.26 12.49 -22.27
C LEU C 98 -9.76 13.20 -21.03
N GLY C 99 -8.98 14.13 -20.48
CA GLY C 99 -9.47 14.91 -19.35
C GLY C 99 -10.54 15.90 -19.72
N GLN C 100 -10.55 16.36 -20.97
CA GLN C 100 -11.60 17.27 -21.43
C GLN C 100 -12.89 16.53 -21.74
N LEU C 101 -12.84 15.21 -21.91
CA LEU C 101 -14.06 14.43 -22.08
C LEU C 101 -14.81 14.28 -20.76
N LEU C 102 -14.16 14.56 -19.64
CA LEU C 102 -14.74 14.41 -18.33
C LEU C 102 -15.17 15.74 -17.72
N ILE C 103 -15.14 16.82 -18.51
CA ILE C 103 -15.69 18.10 -18.03
C ILE C 103 -17.18 17.98 -17.75
N PRO C 104 -18.01 17.34 -18.60
CA PRO C 104 -19.42 17.15 -18.21
C PRO C 104 -19.60 16.37 -16.92
N LEU C 105 -18.70 15.42 -16.62
CA LEU C 105 -18.79 14.71 -15.35
C LEU C 105 -18.37 15.60 -14.19
N ALA C 106 -17.28 16.36 -14.36
CA ALA C 106 -16.82 17.24 -13.30
C ALA C 106 -17.85 18.31 -12.98
N LEU C 107 -18.58 18.76 -14.00
CA LEU C 107 -19.65 19.73 -13.77
C LEU C 107 -20.76 19.13 -12.91
N VAL C 108 -21.07 17.85 -13.12
CA VAL C 108 -22.06 17.18 -12.28
C VAL C 108 -21.56 17.09 -10.85
N PHE C 109 -20.28 16.73 -10.66
CA PHE C 109 -19.72 16.69 -9.31
C PHE C 109 -19.61 18.09 -8.71
N LEU C 110 -19.36 19.10 -9.53
CA LEU C 110 -19.36 20.47 -9.03
C LEU C 110 -20.75 20.88 -8.55
N VAL C 111 -21.79 20.53 -9.32
CA VAL C 111 -23.15 20.84 -8.90
C VAL C 111 -23.51 20.08 -7.63
N ILE C 112 -23.08 18.82 -7.53
CA ILE C 112 -23.38 18.03 -6.34
C ILE C 112 -22.72 18.66 -5.12
N GLN C 113 -21.44 19.02 -5.23
CA GLN C 113 -20.78 19.62 -4.08
C GLN C 113 -21.26 21.05 -3.83
N GLY C 114 -21.69 21.74 -4.89
CA GLY C 114 -22.30 23.04 -4.69
C GLY C 114 -23.55 22.94 -3.84
N ILE C 115 -24.29 21.83 -3.96
CA ILE C 115 -25.42 21.59 -3.09
C ILE C 115 -24.96 21.32 -1.67
N LEU C 116 -23.91 20.52 -1.50
CA LEU C 116 -23.39 20.24 -0.16
C LEU C 116 -22.88 21.51 0.51
N MET C 117 -22.00 22.25 -0.18
CA MET C 117 -21.34 23.40 0.43
C MET C 117 -22.35 24.50 0.76
N LEU C 118 -23.34 24.71 -0.10
CA LEU C 118 -24.23 25.85 0.07
C LEU C 118 -25.42 25.51 0.95
N TRP C 119 -25.94 24.28 0.88
CA TRP C 119 -27.18 23.94 1.58
C TRP C 119 -26.99 22.90 2.68
N MET C 120 -26.48 21.72 2.37
CA MET C 120 -26.48 20.65 3.37
C MET C 120 -25.38 20.81 4.41
N THR C 121 -24.24 21.37 4.05
CA THR C 121 -23.21 21.64 5.06
C THR C 121 -23.70 22.62 6.12
N PRO C 122 -24.35 23.74 5.78
CA PRO C 122 -24.97 24.54 6.85
C PRO C 122 -26.11 23.83 7.54
N TRP C 123 -27.00 23.17 6.79
CA TRP C 123 -28.13 22.49 7.41
C TRP C 123 -27.66 21.37 8.31
N GLY C 124 -26.67 20.60 7.88
CA GLY C 124 -26.14 19.55 8.73
C GLY C 124 -25.49 20.10 9.99
N LEU C 125 -24.77 21.21 9.86
CA LEU C 125 -24.13 21.84 11.00
C LEU C 125 -25.10 22.59 11.90
N ARG C 126 -26.24 23.03 11.36
CA ARG C 126 -27.25 23.69 12.19
C ARG C 126 -27.91 22.70 13.14
N GLN C 127 -28.32 21.54 12.62
CA GLN C 127 -28.95 20.53 13.46
C GLN C 127 -27.94 19.91 14.43
N PHE C 128 -26.69 19.76 13.99
CA PHE C 128 -25.68 19.21 14.89
C PHE C 128 -25.38 20.16 16.04
N ASP C 129 -25.36 21.47 15.77
CA ASP C 129 -25.07 22.44 16.83
C ASP C 129 -26.16 22.45 17.90
N GLN C 130 -27.42 22.37 17.49
CA GLN C 130 -28.50 22.24 18.46
C GLN C 130 -28.40 20.93 19.23
N LEU C 131 -28.05 19.85 18.53
CA LEU C 131 -27.94 18.54 19.18
C LEU C 131 -26.75 18.49 20.12
N SER C 132 -25.60 18.98 19.68
CA SER C 132 -24.41 18.94 20.53
C SER C 132 -24.57 19.80 21.77
N SER C 133 -25.21 20.97 21.63
CA SER C 133 -25.46 21.82 22.79
C SER C 133 -26.43 21.16 23.75
N SER C 134 -27.27 20.24 23.27
CA SER C 134 -28.18 19.51 24.14
C SER C 134 -27.43 18.46 24.96
N GLN C 135 -26.29 17.99 24.47
CA GLN C 135 -25.47 17.03 25.20
C GLN C 135 -24.47 17.69 26.14
N ALA C 136 -24.31 19.01 26.07
CA ALA C 136 -23.41 19.72 26.98
C ALA C 136 -24.07 20.08 28.30
N VAL C 137 -25.39 19.88 28.43
CA VAL C 137 -26.08 20.16 29.68
C VAL C 137 -26.08 18.96 30.61
N ARG C 138 -25.63 17.79 30.14
CA ARG C 138 -25.60 16.60 30.97
C ARG C 138 -24.71 16.83 32.18
N THR C 139 -25.26 16.54 33.37
CA THR C 139 -24.53 16.76 34.61
C THR C 139 -25.15 15.89 35.69
N GLY C 140 -24.41 15.71 36.77
CA GLY C 140 -24.90 14.91 37.88
C GLY C 140 -24.68 13.44 37.62
N PHE C 141 -25.74 12.65 37.76
CA PHE C 141 -25.65 11.20 37.60
C PHE C 141 -25.46 10.79 36.15
N ASP C 142 -25.58 11.70 35.19
CA ASP C 142 -25.40 11.34 33.79
C ASP C 142 -23.93 11.12 33.46
N LEU C 143 -23.03 11.84 34.13
CA LEU C 143 -21.60 11.74 33.87
C LEU C 143 -20.89 10.76 34.81
N VAL C 144 -21.64 9.98 35.58
CA VAL C 144 -21.04 9.10 36.58
C VAL C 144 -20.23 8.02 35.88
N ARG C 145 -19.15 7.58 36.55
CA ARG C 145 -18.31 6.50 36.09
C ARG C 145 -18.06 5.54 37.24
N PRO C 146 -17.97 4.24 36.98
CA PRO C 146 -17.75 3.27 38.06
C PRO C 146 -16.38 3.47 38.70
N LYS C 147 -16.34 3.29 40.03
CA LYS C 147 -15.11 3.31 40.81
C LYS C 147 -14.36 4.63 40.67
N GLU C 148 -15.09 5.72 40.44
CA GLU C 148 -14.47 7.04 40.29
C GLU C 148 -15.38 8.10 40.88
N PHE C 149 -14.79 9.22 41.24
CA PHE C 149 -15.51 10.37 41.80
C PHE C 149 -15.71 11.40 40.70
N ILE C 150 -16.97 11.76 40.45
CA ILE C 150 -17.32 12.74 39.44
C ILE C 150 -17.88 13.97 40.15
N SER C 151 -17.26 15.11 39.93
CA SER C 151 -17.66 16.37 40.53
C SER C 151 -18.20 17.29 39.44
N SER C 152 -19.45 17.74 39.61
CA SER C 152 -20.09 18.66 38.67
C SER C 152 -20.78 19.73 39.51
N GLY C 153 -20.17 20.91 39.59
CA GLY C 153 -20.67 21.97 40.42
C GLY C 153 -20.64 21.58 41.89
N PRO C 154 -21.79 21.71 42.57
CA PRO C 154 -21.89 21.33 43.97
C PRO C 154 -22.18 19.86 44.23
N TYR C 155 -22.03 19.00 43.22
CA TYR C 155 -22.36 17.59 43.33
C TYR C 155 -21.10 16.75 43.19
N THR C 156 -20.94 15.77 44.08
CA THR C 156 -19.88 14.77 43.96
C THR C 156 -20.52 13.39 44.05
N ILE C 157 -20.34 12.59 43.01
CA ILE C 157 -21.02 11.31 42.88
C ILE C 157 -20.00 10.22 42.65
N TYR C 158 -20.07 9.16 43.44
CA TYR C 158 -19.22 7.99 43.29
C TYR C 158 -20.08 6.74 43.20
N ALA C 159 -19.88 5.95 42.15
CA ALA C 159 -20.64 4.72 41.94
C ALA C 159 -19.68 3.55 41.91
N GLY C 160 -19.95 2.54 42.72
CA GLY C 160 -19.09 1.37 42.77
C GLY C 160 -19.19 0.47 41.56
N ASP C 161 -20.31 0.54 40.83
CA ASP C 161 -20.50 -0.29 39.65
C ASP C 161 -21.48 0.40 38.73
N LEU C 162 -21.48 -0.02 37.47
CA LEU C 162 -22.35 0.56 36.46
C LEU C 162 -22.69 -0.51 35.43
N SER C 163 -23.94 -0.50 34.97
CA SER C 163 -24.37 -1.47 33.99
C SER C 163 -23.80 -1.14 32.61
N GLU C 164 -24.05 -2.03 31.65
CA GLU C 164 -23.65 -1.76 30.27
C GLU C 164 -24.33 -0.51 29.74
N ASP C 165 -25.62 -0.37 30.02
CA ASP C 165 -26.29 0.91 29.86
C ASP C 165 -26.04 1.77 31.10
N ARG C 166 -26.17 3.08 30.93
CA ARG C 166 -25.87 3.99 32.03
C ARG C 166 -27.03 4.09 33.00
N LYS C 167 -27.52 2.96 33.47
CA LYS C 167 -28.57 2.88 34.48
C LYS C 167 -28.19 1.84 35.52
N ASN C 168 -28.99 1.78 36.59
CA ASN C 168 -28.82 0.80 37.67
C ASN C 168 -27.44 0.90 38.30
N LEU C 169 -27.18 2.04 38.92
CA LEU C 169 -25.93 2.26 39.64
C LEU C 169 -25.87 1.37 40.89
N LYS C 170 -24.64 1.11 41.34
CA LYS C 170 -24.40 0.32 42.55
C LYS C 170 -23.36 1.01 43.42
N ASP C 171 -23.56 0.92 44.74
CA ASP C 171 -22.64 1.49 45.72
C ASP C 171 -22.44 3.00 45.49
N ILE C 172 -23.54 3.72 45.65
CA ILE C 172 -23.63 5.13 45.29
C ILE C 172 -23.26 5.99 46.49
N PHE C 173 -22.39 6.96 46.28
CA PHE C 173 -22.04 7.96 47.28
C PHE C 173 -22.30 9.34 46.69
N PHE C 174 -23.12 10.14 47.39
CA PHE C 174 -23.50 11.46 46.92
C PHE C 174 -23.17 12.49 47.99
N TYR C 175 -22.51 13.58 47.58
CA TYR C 175 -22.12 14.63 48.49
C TYR C 175 -22.45 15.99 47.88
N GLN C 176 -22.79 16.94 48.75
CA GLN C 176 -23.09 18.30 48.32
C GLN C 176 -21.87 19.20 48.38
N ASP C 185 -24.46 20.95 53.39
CA ASP C 185 -23.81 19.75 52.88
C ASP C 185 -24.62 18.51 53.22
N VAL C 186 -25.16 17.86 52.19
CA VAL C 186 -25.99 16.67 52.34
C VAL C 186 -25.24 15.49 51.75
N MET C 187 -25.03 14.46 52.56
CA MET C 187 -24.34 13.26 52.14
C MET C 187 -25.33 12.10 52.06
N ILE C 188 -25.38 11.45 50.91
CA ILE C 188 -26.32 10.36 50.66
C ILE C 188 -25.55 9.14 50.16
N LEU C 189 -25.76 8.01 50.83
CA LEU C 189 -25.15 6.74 50.44
C LEU C 189 -26.27 5.73 50.19
N ALA C 190 -26.21 5.06 49.04
CA ALA C 190 -27.24 4.07 48.68
C ALA C 190 -26.59 2.84 48.09
N LYS C 191 -27.23 1.70 48.30
CA LYS C 191 -26.74 0.45 47.71
C LYS C 191 -27.07 0.37 46.22
N GLU C 192 -28.24 0.84 45.82
CA GLU C 192 -28.67 0.82 44.43
C GLU C 192 -29.28 2.16 44.05
N ALA C 193 -29.22 2.49 42.77
CA ALA C 193 -29.84 3.70 42.25
C ALA C 193 -30.14 3.50 40.77
N THR C 194 -31.39 3.74 40.39
CA THR C 194 -31.85 3.62 39.02
C THR C 194 -32.24 5.00 38.51
N ARG C 195 -31.71 5.38 37.35
CA ARG C 195 -32.01 6.68 36.76
C ARG C 195 -32.98 6.53 35.59
N ASN C 204 -32.23 15.99 37.07
CA ASN C 204 -32.12 14.55 36.96
C ASN C 204 -33.00 13.85 38.00
N VAL C 205 -33.53 12.68 37.63
CA VAL C 205 -34.37 11.88 38.52
C VAL C 205 -33.66 10.57 38.77
N VAL C 206 -33.38 10.28 40.04
CA VAL C 206 -32.70 9.05 40.45
C VAL C 206 -33.48 8.43 41.60
N ASP C 207 -33.81 7.14 41.45
CA ASP C 207 -34.49 6.38 42.48
C ASP C 207 -33.46 5.55 43.24
N LEU C 208 -33.26 5.88 44.51
CA LEU C 208 -32.26 5.22 45.34
C LEU C 208 -32.92 4.12 46.15
N ILE C 209 -32.22 2.99 46.30
CA ILE C 209 -32.73 1.82 46.98
C ILE C 209 -31.78 1.44 48.10
N GLN C 210 -32.33 1.23 49.31
CA GLN C 210 -31.56 0.81 50.47
C GLN C 210 -30.43 1.78 50.77
N GLY C 211 -30.81 3.03 51.04
CA GLY C 211 -29.86 4.11 51.19
C GLY C 211 -29.97 4.83 52.53
N ARG C 212 -28.95 5.64 52.81
CA ARG C 212 -28.87 6.44 54.01
C ARG C 212 -28.58 7.89 53.63
N ARG C 213 -29.26 8.82 54.30
CA ARG C 213 -29.09 10.24 54.05
C ARG C 213 -28.58 10.92 55.31
N TYR C 214 -27.53 11.74 55.15
CA TYR C 214 -26.92 12.44 56.28
C TYR C 214 -26.79 13.92 55.96
N GLU C 215 -26.94 14.75 56.98
CA GLU C 215 -26.75 16.19 56.86
C GLU C 215 -25.57 16.61 57.72
N ILE C 216 -24.63 17.32 57.12
CA ILE C 216 -23.43 17.75 57.83
C ILE C 216 -23.38 19.26 57.93
N TYR C 223 -25.98 17.61 62.36
CA TYR C 223 -25.96 16.16 62.31
C TYR C 223 -27.37 15.58 62.26
N SER C 224 -27.89 15.41 61.04
CA SER C 224 -29.20 14.83 60.82
C SER C 224 -29.03 13.52 60.06
N GLN C 225 -29.58 12.43 60.61
CA GLN C 225 -29.50 11.11 60.02
C GLN C 225 -30.90 10.62 59.68
N ALA C 226 -31.07 10.09 58.47
CA ALA C 226 -32.39 9.64 58.03
C ALA C 226 -32.20 8.44 57.11
N GLU C 227 -32.32 7.24 57.69
CA GLU C 227 -32.30 6.02 56.89
C GLU C 227 -33.60 5.87 56.12
N PHE C 228 -33.54 5.13 55.01
CA PHE C 228 -34.71 4.93 54.19
C PHE C 228 -34.54 3.67 53.36
N GLN C 229 -35.66 3.17 52.83
CA GLN C 229 -35.66 2.03 51.92
C GLN C 229 -35.70 2.46 50.46
N ARG C 230 -36.37 3.57 50.15
CA ARG C 230 -36.41 4.12 48.80
C ARG C 230 -36.39 5.63 48.88
N TYR C 231 -35.92 6.26 47.81
CA TYR C 231 -35.76 7.70 47.79
C TYR C 231 -35.69 8.18 46.35
N ARG C 232 -36.32 9.32 46.07
CA ARG C 232 -36.25 9.97 44.77
C ARG C 232 -35.47 11.26 44.92
N LEU C 233 -34.41 11.41 44.14
CA LEU C 233 -33.49 12.51 44.26
C LEU C 233 -33.60 13.40 43.03
N ARG C 234 -33.68 14.71 43.25
CA ARG C 234 -33.97 15.69 42.20
C ARG C 234 -32.91 16.78 42.17
N LEU C 235 -31.64 16.39 42.12
CA LEU C 235 -30.54 17.34 42.14
C LEU C 235 -30.62 18.31 40.95
N LYS C 247 -23.20 30.50 15.35
CA LYS C 247 -22.02 30.24 14.53
C LYS C 247 -22.31 30.54 13.06
N VAL C 248 -21.39 31.25 12.41
CA VAL C 248 -21.56 31.58 11.01
C VAL C 248 -21.41 30.36 10.11
N GLU C 249 -20.78 29.29 10.61
CA GLU C 249 -20.56 28.09 9.82
C GLU C 249 -21.85 27.35 9.52
N ALA C 250 -22.94 27.64 10.24
CA ALA C 250 -24.20 26.93 10.06
C ALA C 250 -25.34 27.82 9.64
N LEU C 251 -25.11 29.12 9.42
CA LEU C 251 -26.17 30.01 9.01
C LEU C 251 -26.64 29.67 7.60
N PRO C 252 -27.93 29.83 7.31
CA PRO C 252 -28.42 29.57 5.96
C PRO C 252 -27.78 30.52 4.94
N SER C 253 -27.60 30.01 3.73
CA SER C 253 -27.02 30.82 2.67
C SER C 253 -27.90 32.00 2.28
N SER C 254 -29.21 31.91 2.54
CA SER C 254 -30.10 33.03 2.26
C SER C 254 -29.75 34.23 3.14
N LYS C 255 -29.47 33.98 4.42
CA LYS C 255 -29.10 35.06 5.32
C LYS C 255 -27.68 35.55 5.09
N LEU C 256 -26.91 34.85 4.28
CA LEU C 256 -25.51 35.21 4.01
C LEU C 256 -25.29 35.72 2.59
N TRP C 257 -26.32 35.71 1.75
CA TRP C 257 -26.15 36.22 0.39
C TRP C 257 -25.79 37.70 0.41
N ASN C 258 -26.45 38.48 1.25
CA ASN C 258 -26.09 39.87 1.49
C ASN C 258 -25.08 39.92 2.64
N LYS C 259 -24.86 41.12 3.18
CA LYS C 259 -23.94 41.32 4.31
C LYS C 259 -22.53 40.87 3.97
N TRP C 260 -22.08 41.17 2.76
CA TRP C 260 -20.71 40.88 2.36
C TRP C 260 -19.70 41.79 3.05
N ASN C 261 -20.15 42.89 3.67
CA ASN C 261 -19.24 43.82 4.32
C ASN C 261 -18.52 43.19 5.49
N ASP C 262 -19.23 42.40 6.29
CA ASP C 262 -18.62 41.77 7.45
C ASP C 262 -17.62 40.72 6.99
N PRO C 263 -16.34 40.82 7.40
CA PRO C 263 -15.36 39.84 6.94
C PRO C 263 -15.66 38.41 7.35
N VAL C 264 -16.31 38.21 8.49
CA VAL C 264 -16.63 36.84 8.92
C VAL C 264 -17.59 36.19 7.95
N ILE C 265 -18.65 36.91 7.56
CA ILE C 265 -19.56 36.41 6.55
C ILE C 265 -18.89 36.38 5.18
N ALA C 266 -18.00 37.34 4.92
CA ALA C 266 -17.29 37.35 3.64
C ALA C 266 -16.45 36.11 3.46
N SER C 267 -15.77 35.66 4.52
CA SER C 267 -14.98 34.44 4.43
C SER C 267 -15.86 33.21 4.27
N GLU C 268 -16.96 33.15 5.01
CA GLU C 268 -17.82 31.97 4.95
C GLU C 268 -18.59 31.88 3.64
N MET C 269 -19.16 33.00 3.19
CA MET C 269 -19.92 32.98 1.94
C MET C 269 -18.99 32.73 0.75
N GLY C 270 -17.80 33.31 0.76
CA GLY C 270 -16.82 33.00 -0.27
C GLY C 270 -16.38 31.55 -0.22
N TRP C 271 -16.32 30.97 0.98
CA TRP C 271 -15.98 29.56 1.11
C TRP C 271 -17.05 28.66 0.52
N ARG C 272 -18.30 29.14 0.49
CA ARG C 272 -19.40 28.36 -0.09
C ARG C 272 -19.58 28.58 -1.57
N VAL C 273 -19.13 29.72 -2.11
CA VAL C 273 -19.30 30.01 -3.53
C VAL C 273 -18.10 29.55 -4.34
N PHE C 274 -16.89 29.90 -3.91
CA PHE C 274 -15.67 29.47 -4.58
C PHE C 274 -15.18 28.12 -4.10
N GLY C 275 -15.78 27.57 -3.06
CA GLY C 275 -15.43 26.25 -2.58
C GLY C 275 -15.72 25.11 -3.53
N PRO C 276 -16.93 25.07 -4.12
CA PRO C 276 -17.26 23.96 -5.03
C PRO C 276 -16.35 23.89 -6.25
N PHE C 277 -15.67 24.97 -6.61
CA PHE C 277 -14.80 24.93 -7.77
C PHE C 277 -13.51 24.20 -7.54
N THR C 278 -13.31 23.54 -6.40
CA THR C 278 -12.16 22.65 -6.24
C THR C 278 -12.35 21.36 -7.00
N ILE C 279 -13.58 21.03 -7.41
CA ILE C 279 -13.80 19.86 -8.25
C ILE C 279 -13.14 20.04 -9.61
N VAL C 280 -13.31 21.22 -10.21
CA VAL C 280 -12.65 21.51 -11.49
C VAL C 280 -11.14 21.47 -11.32
N ILE C 281 -10.63 22.05 -10.24
CA ILE C 281 -9.20 22.00 -9.97
C ILE C 281 -8.75 20.57 -9.71
N ALA C 282 -9.58 19.76 -9.07
CA ALA C 282 -9.28 18.35 -8.90
C ALA C 282 -9.34 17.56 -10.20
N LEU C 283 -9.91 18.14 -11.26
CA LEU C 283 -9.95 17.48 -12.55
C LEU C 283 -8.70 17.76 -13.37
N MET C 284 -8.30 19.02 -13.48
CA MET C 284 -7.14 19.37 -14.28
C MET C 284 -5.83 19.14 -13.55
N MET C 285 -5.86 18.90 -12.24
CA MET C 285 -4.65 18.54 -11.51
C MET C 285 -4.46 17.05 -11.41
N ALA C 286 -5.54 16.27 -11.47
CA ALA C 286 -5.41 14.82 -11.57
C ALA C 286 -4.99 14.39 -12.97
N VAL C 287 -5.35 15.17 -13.98
CA VAL C 287 -4.87 14.90 -15.33
C VAL C 287 -3.37 15.18 -15.44
N ALA C 288 -2.90 16.21 -14.75
CA ALA C 288 -1.48 16.57 -14.84
C ALA C 288 -0.60 15.55 -14.14
N LEU C 289 -1.02 15.06 -12.98
CA LEU C 289 -0.18 14.23 -12.11
C LEU C 289 -0.57 12.75 -12.18
N CYS C 290 -0.93 12.25 -13.36
CA CYS C 290 -1.36 10.87 -13.49
C CYS C 290 -0.44 10.00 -14.33
N GLU C 291 0.52 10.59 -15.05
CA GLU C 291 1.41 9.81 -15.89
C GLU C 291 2.27 8.89 -15.03
N VAL C 292 2.13 7.58 -15.24
CA VAL C 292 2.84 6.58 -14.45
C VAL C 292 3.22 5.41 -15.34
N SER C 293 4.38 4.83 -15.08
CA SER C 293 4.89 3.73 -15.89
C SER C 293 4.16 2.43 -15.54
N PRO C 294 4.04 1.51 -16.50
CA PRO C 294 3.38 0.23 -16.20
C PRO C 294 4.01 -0.53 -15.05
N ARG C 295 5.33 -0.51 -14.92
CA ARG C 295 5.99 -1.19 -13.81
C ARG C 295 5.92 -0.39 -12.52
N GLN C 296 5.64 0.92 -12.61
CA GLN C 296 5.56 1.74 -11.41
C GLN C 296 4.28 1.44 -10.62
N GLY C 297 3.17 1.22 -11.32
CA GLY C 297 1.93 0.86 -10.67
C GLY C 297 0.82 1.87 -10.82
N ARG C 298 -0.41 1.44 -10.56
CA ARG C 298 -1.55 2.35 -10.62
C ARG C 298 -1.57 3.30 -9.43
N TYR C 299 -1.03 2.87 -8.28
CA TYR C 299 -1.07 3.64 -7.04
C TYR C 299 0.25 4.34 -6.75
N TYR C 300 1.19 4.36 -7.70
CA TYR C 300 2.50 4.95 -7.43
C TYR C 300 2.40 6.44 -7.17
N ARG C 301 1.60 7.15 -7.97
CA ARG C 301 1.52 8.60 -7.90
C ARG C 301 0.37 9.08 -7.02
N LEU C 302 -0.16 8.22 -6.17
CA LEU C 302 -1.24 8.64 -5.27
C LEU C 302 -0.72 9.48 -4.11
N ILE C 303 0.12 8.88 -3.27
CA ILE C 303 0.60 9.59 -2.08
C ILE C 303 1.37 10.86 -2.44
N PRO C 304 2.28 10.87 -3.41
CA PRO C 304 2.89 12.15 -3.80
C PRO C 304 1.90 13.20 -4.27
N ALA C 305 0.81 12.80 -4.92
CA ALA C 305 -0.13 13.76 -5.51
C ALA C 305 -1.34 14.05 -4.64
N ILE C 306 -1.65 13.20 -3.67
CA ILE C 306 -2.64 13.58 -2.66
C ILE C 306 -2.16 14.74 -1.81
N PHE C 307 -0.85 14.79 -1.52
CA PHE C 307 -0.26 15.91 -0.81
C PHE C 307 -0.23 17.19 -1.64
N ILE C 308 -0.12 17.08 -2.96
CA ILE C 308 -0.21 18.27 -3.82
C ILE C 308 -1.64 18.80 -3.83
N PHE C 309 -2.62 17.90 -3.87
CA PHE C 309 -4.01 18.33 -3.74
C PHE C 309 -4.30 18.87 -2.35
N ALA C 310 -3.80 18.18 -1.32
CA ALA C 310 -4.02 18.64 0.05
C ALA C 310 -3.36 19.97 0.33
N SER C 311 -2.28 20.31 -0.38
CA SER C 311 -1.68 21.63 -0.22
C SER C 311 -2.60 22.72 -0.72
N LEU C 312 -3.50 22.38 -1.66
CA LEU C 312 -4.50 23.35 -2.10
C LEU C 312 -5.54 23.59 -1.01
N ILE C 313 -6.06 22.51 -0.42
CA ILE C 313 -7.09 22.64 0.60
C ILE C 313 -6.52 23.34 1.84
N VAL C 314 -5.31 22.95 2.25
CA VAL C 314 -4.68 23.60 3.40
C VAL C 314 -4.47 25.07 3.13
N LEU C 315 -4.14 25.44 1.89
CA LEU C 315 -4.06 26.85 1.54
C LEU C 315 -5.42 27.52 1.59
N LEU C 316 -6.47 26.80 1.19
CA LEU C 316 -7.81 27.39 1.18
C LEU C 316 -8.37 27.52 2.59
N ILE C 317 -8.03 26.60 3.49
CA ILE C 317 -8.37 26.79 4.89
C ILE C 317 -7.58 27.92 5.52
N ALA C 318 -6.32 28.10 5.13
CA ALA C 318 -5.51 29.21 5.58
C ALA C 318 -5.93 30.53 4.97
N ILE C 319 -6.73 30.51 3.90
CA ILE C 319 -7.26 31.74 3.34
C ILE C 319 -8.59 32.09 4.00
N ARG C 320 -9.42 31.09 4.31
CA ARG C 320 -10.68 31.34 4.99
C ARG C 320 -10.46 32.02 6.34
N THR C 321 -9.37 31.76 7.03
CA THR C 321 -9.26 32.37 8.37
C THR C 321 -8.86 33.83 8.22
N ARG C 322 -7.92 34.13 7.34
CA ARG C 322 -7.41 35.51 7.27
C ARG C 322 -8.59 36.40 6.90
N ILE C 323 -9.39 35.99 5.92
CA ILE C 323 -10.48 36.92 5.54
C ILE C 323 -11.34 37.04 6.79
N SER C 324 -11.47 35.97 7.56
CA SER C 324 -12.27 36.16 8.77
C SER C 324 -11.68 37.20 9.70
N ARG C 325 -10.39 37.49 9.64
CA ARG C 325 -9.88 38.54 10.53
C ARG C 325 -9.71 39.83 9.72
N ASP C 326 -10.19 39.84 8.49
CA ASP C 326 -10.14 41.04 7.65
C ASP C 326 -8.69 41.41 7.35
N GLU C 327 -7.94 40.42 6.87
CA GLU C 327 -6.54 40.61 6.50
C GLU C 327 -6.25 40.36 5.03
N LEU C 328 -7.11 39.66 4.32
CA LEU C 328 -6.75 39.22 2.97
C LEU C 328 -7.77 39.61 1.92
N GLY C 329 -9.06 39.59 2.25
CA GLY C 329 -10.05 39.92 1.23
C GLY C 329 -10.58 38.69 0.53
N VAL C 330 -11.83 38.80 0.06
CA VAL C 330 -12.53 37.65 -0.50
C VAL C 330 -11.99 37.27 -1.88
N TRP C 331 -11.25 38.18 -2.53
CA TRP C 331 -10.74 37.90 -3.87
C TRP C 331 -9.73 36.76 -3.91
N ALA C 332 -9.21 36.34 -2.76
CA ALA C 332 -8.14 35.34 -2.74
C ALA C 332 -8.65 33.92 -2.89
N TYR C 333 -9.97 33.70 -2.91
CA TYR C 333 -10.47 32.36 -3.15
C TYR C 333 -10.25 31.93 -4.60
N PRO C 334 -10.70 32.66 -5.62
CA PRO C 334 -10.36 32.26 -6.99
C PRO C 334 -8.88 32.33 -7.28
N ALA C 335 -8.15 33.27 -6.65
CA ALA C 335 -6.71 33.37 -6.88
C ALA C 335 -5.99 32.12 -6.43
N ALA C 336 -6.37 31.55 -5.29
CA ALA C 336 -5.78 30.29 -4.86
C ALA C 336 -6.12 29.16 -5.82
N LEU C 337 -7.35 29.14 -6.32
CA LEU C 337 -7.74 28.11 -7.28
C LEU C 337 -7.10 28.36 -8.65
N ALA C 338 -7.01 29.63 -9.06
CA ALA C 338 -6.43 29.93 -10.36
C ALA C 338 -4.95 29.56 -10.42
N VAL C 339 -4.20 29.82 -9.35
CA VAL C 339 -2.79 29.46 -9.32
C VAL C 339 -2.63 27.96 -9.44
N TYR C 340 -3.45 27.19 -8.71
CA TYR C 340 -3.41 25.73 -8.86
C TYR C 340 -4.00 25.29 -10.18
N GLY C 341 -5.00 26.01 -10.70
CA GLY C 341 -5.54 25.68 -12.00
C GLY C 341 -4.54 25.93 -13.12
N ILE C 342 -3.85 27.07 -13.08
CA ILE C 342 -2.86 27.38 -14.11
C ILE C 342 -1.65 26.46 -13.98
N ALA C 343 -1.21 26.20 -12.74
CA ALA C 343 -0.07 25.32 -12.54
C ALA C 343 -0.35 23.92 -13.05
N ALA C 344 -1.56 23.42 -12.81
CA ALA C 344 -1.92 22.10 -13.31
C ALA C 344 -2.04 22.09 -14.84
N ALA C 345 -2.60 23.17 -15.41
CA ALA C 345 -2.73 23.24 -16.86
C ALA C 345 -1.35 23.34 -17.53
N LEU C 346 -0.44 24.10 -16.93
CA LEU C 346 0.90 24.21 -17.50
C LEU C 346 1.67 22.90 -17.37
N PHE C 347 1.53 22.20 -16.24
CA PHE C 347 2.24 20.93 -16.07
C PHE C 347 1.70 19.84 -16.98
N SER C 348 0.39 19.85 -17.27
CA SER C 348 -0.18 18.88 -18.20
C SER C 348 0.20 19.18 -19.64
N ARG C 349 0.82 20.32 -19.91
CA ARG C 349 1.18 20.75 -21.26
C ARG C 349 2.66 21.11 -21.32
N LYS C 350 3.49 20.25 -20.75
CA LYS C 350 4.93 20.50 -20.72
C LYS C 350 5.66 19.59 -21.71
N ARG D 4 23.95 -19.25 9.16
CA ARG D 4 23.75 -18.25 8.13
C ARG D 4 23.79 -16.85 8.73
N ARG D 5 24.65 -15.99 8.19
CA ARG D 5 24.74 -14.63 8.68
C ARG D 5 24.63 -13.57 7.59
N ILE D 6 25.18 -13.83 6.41
CA ILE D 6 25.14 -12.81 5.35
C ILE D 6 23.72 -12.58 4.87
N VAL D 7 22.96 -13.67 4.70
CA VAL D 7 21.55 -13.52 4.31
C VAL D 7 20.76 -12.83 5.42
N ALA D 8 21.03 -13.19 6.68
CA ALA D 8 20.30 -12.60 7.79
C ALA D 8 20.54 -11.11 7.90
N LYS D 9 21.79 -10.67 7.71
CA LYS D 9 22.08 -9.25 7.76
C LYS D 9 21.39 -8.50 6.62
N HIS D 10 21.34 -9.09 5.43
CA HIS D 10 20.72 -8.43 4.30
C HIS D 10 19.22 -8.24 4.51
N VAL D 11 18.55 -9.26 5.04
CA VAL D 11 17.10 -9.14 5.28
C VAL D 11 16.83 -8.21 6.45
N THR D 12 17.62 -8.30 7.52
CA THR D 12 17.40 -7.47 8.68
C THR D 12 17.72 -6.01 8.40
N LYS D 13 18.87 -5.74 7.77
CA LYS D 13 19.27 -4.36 7.51
C LYS D 13 18.32 -3.69 6.53
N THR D 14 17.88 -4.40 5.49
CA THR D 14 16.95 -3.81 4.53
C THR D 14 15.63 -3.45 5.19
N THR D 15 15.13 -4.31 6.07
CA THR D 15 13.88 -4.02 6.76
C THR D 15 14.07 -2.98 7.85
N ALA D 16 15.20 -3.03 8.57
CA ALA D 16 15.46 -2.06 9.62
C ALA D 16 15.54 -0.65 9.06
N LEU D 17 16.23 -0.49 7.92
CA LEU D 17 16.29 0.83 7.29
C LEU D 17 14.92 1.28 6.78
N ALA D 18 14.06 0.33 6.41
CA ALA D 18 12.71 0.68 5.98
C ALA D 18 11.82 1.01 7.17
N MET D 19 12.02 0.33 8.30
CA MET D 19 11.25 0.64 9.50
C MET D 19 11.69 1.96 10.10
N LEU D 20 13.00 2.23 10.09
CA LEU D 20 13.50 3.51 10.60
C LEU D 20 13.24 4.63 9.62
N GLY D 21 13.32 4.35 8.32
CA GLY D 21 13.02 5.37 7.33
C GLY D 21 11.58 5.81 7.36
N THR D 22 10.66 4.86 7.52
CA THR D 22 9.25 5.20 7.65
C THR D 22 9.00 5.95 8.95
N THR D 23 9.72 5.59 10.00
CA THR D 23 9.56 6.26 11.29
C THR D 23 9.95 7.73 11.19
N ILE D 24 11.07 8.02 10.52
CA ILE D 24 11.50 9.41 10.39
C ILE D 24 10.47 10.22 9.59
N VAL D 25 9.96 9.63 8.51
CA VAL D 25 8.98 10.34 7.68
C VAL D 25 7.68 10.55 8.43
N LEU D 26 7.17 9.50 9.09
CA LEU D 26 5.87 9.60 9.74
C LEU D 26 5.88 10.59 10.90
N VAL D 27 6.97 10.69 11.64
CA VAL D 27 7.06 11.66 12.72
C VAL D 27 7.15 13.08 12.16
N ILE D 28 7.92 13.28 11.10
CA ILE D 28 8.05 14.60 10.51
C ILE D 28 6.71 15.08 9.97
N LEU D 29 5.97 14.20 9.29
CA LEU D 29 4.64 14.57 8.81
C LEU D 29 3.69 14.89 9.95
N GLN D 30 3.71 14.09 11.02
CA GLN D 30 2.80 14.36 12.13
C GLN D 30 3.18 15.61 12.90
N VAL D 31 4.47 15.96 12.97
CA VAL D 31 4.86 17.22 13.58
C VAL D 31 4.36 18.39 12.75
N LEU D 32 4.51 18.30 11.43
CA LEU D 32 4.02 19.37 10.56
C LEU D 32 2.50 19.46 10.59
N PHE D 33 1.81 18.32 10.55
CA PHE D 33 0.36 18.34 10.58
C PHE D 33 -0.18 18.84 11.91
N THR D 34 0.43 18.42 13.03
CA THR D 34 0.01 18.91 14.33
C THR D 34 0.29 20.40 14.47
N TYR D 35 1.42 20.87 13.92
CA TYR D 35 1.75 22.29 13.99
C TYR D 35 0.71 23.14 13.28
N LEU D 36 0.16 22.63 12.17
CA LEU D 36 -0.90 23.35 11.48
C LEU D 36 -2.12 23.51 12.38
N GLY D 37 -2.52 22.45 13.06
CA GLY D 37 -3.64 22.54 13.97
C GLY D 37 -3.34 23.41 15.18
N GLU D 38 -2.08 23.45 15.60
CA GLU D 38 -1.64 24.27 16.72
C GLU D 38 -1.41 25.73 16.34
N LEU D 39 -1.40 26.04 15.05
CA LEU D 39 -1.22 27.41 14.58
C LEU D 39 -2.50 28.22 14.66
N SER D 40 -3.64 27.57 14.89
CA SER D 40 -4.92 28.27 15.03
C SER D 40 -5.22 28.63 16.48
N ASN D 41 -4.37 28.25 17.43
CA ASN D 41 -4.56 28.56 18.84
C ASN D 41 -3.62 29.66 19.32
N LEU D 42 -3.00 30.38 18.40
CA LEU D 42 -2.09 31.45 18.79
C LEU D 42 -2.85 32.59 19.48
N LYS D 43 -2.16 33.27 20.38
CA LYS D 43 -2.73 34.42 21.09
C LYS D 43 -1.57 35.34 21.48
N ALA D 44 -1.86 36.29 22.37
CA ALA D 44 -0.86 37.27 22.75
C ALA D 44 0.32 36.61 23.47
N ASP D 45 0.05 35.70 24.39
CA ASP D 45 1.09 35.05 25.18
C ASP D 45 1.53 33.72 24.60
N TYR D 46 0.99 33.30 23.46
CA TYR D 46 1.29 32.01 22.84
C TYR D 46 1.59 32.26 21.36
N SER D 47 2.85 32.55 21.06
CA SER D 47 3.25 32.91 19.71
C SER D 47 3.49 31.66 18.87
N ALA D 48 3.88 31.87 17.62
CA ALA D 48 4.14 30.75 16.72
C ALA D 48 5.33 29.93 17.21
N TRP D 49 6.38 30.59 17.70
CA TRP D 49 7.51 29.87 18.26
C TRP D 49 7.09 29.09 19.51
N GLN D 50 6.26 29.69 20.36
CA GLN D 50 5.77 28.98 21.54
C GLN D 50 4.92 27.78 21.15
N ALA D 51 4.19 27.88 20.04
CA ALA D 51 3.39 26.76 19.56
C ALA D 51 4.20 25.74 18.78
N PHE D 52 5.41 26.09 18.34
CA PHE D 52 6.30 25.12 17.72
C PHE D 52 7.02 24.26 18.75
N LEU D 53 7.42 24.85 19.87
CA LEU D 53 8.05 24.07 20.93
C LEU D 53 7.07 23.09 21.56
N TYR D 54 5.81 23.49 21.70
CA TYR D 54 4.80 22.59 22.26
C TYR D 54 4.58 21.38 21.36
N VAL D 55 4.65 21.57 20.05
CA VAL D 55 4.53 20.45 19.12
C VAL D 55 5.85 19.69 19.01
N LEU D 56 6.98 20.39 19.04
CA LEU D 56 8.27 19.73 18.96
C LEU D 56 8.53 18.87 20.18
N TRP D 57 8.17 19.37 21.37
CA TRP D 57 8.31 18.57 22.58
C TRP D 57 7.39 17.36 22.59
N GLY D 58 6.31 17.40 21.83
CA GLY D 58 5.44 16.24 21.71
C GLY D 58 5.88 15.20 20.72
N ALA D 59 7.00 15.43 20.03
CA ALA D 59 7.48 14.47 19.05
C ALA D 59 7.76 13.09 19.63
N PRO D 60 8.40 12.93 20.80
CA PRO D 60 8.56 11.58 21.35
C PRO D 60 7.23 10.87 21.59
N ARG D 61 6.19 11.60 21.95
CA ARG D 61 4.88 10.97 22.12
C ARG D 61 4.21 10.66 20.78
N TYR D 62 4.42 11.50 19.76
CA TYR D 62 4.02 11.12 18.41
C TYR D 62 4.85 9.95 17.91
N LEU D 63 6.12 9.92 18.29
CA LEU D 63 7.00 8.82 17.91
C LEU D 63 6.56 7.50 18.54
N TYR D 64 6.13 7.55 19.81
CA TYR D 64 5.73 6.32 20.49
C TYR D 64 4.50 5.69 19.85
N GLU D 65 3.59 6.51 19.33
CA GLU D 65 2.35 6.02 18.73
C GLU D 65 2.48 5.70 17.25
N ILE D 66 3.63 6.01 16.64
CA ILE D 66 3.90 5.66 15.25
C ILE D 66 4.62 4.33 15.12
N LEU D 67 5.36 3.92 16.14
CA LEU D 67 6.15 2.69 16.05
C LEU D 67 5.35 1.47 15.62
N PRO D 68 4.14 1.20 16.15
CA PRO D 68 3.37 0.07 15.62
C PRO D 68 3.04 0.18 14.14
N ILE D 69 2.75 1.39 13.63
CA ILE D 69 2.39 1.53 12.23
C ILE D 69 3.60 1.75 11.33
N SER D 70 4.71 2.24 11.87
CA SER D 70 5.93 2.33 11.07
C SER D 70 6.59 0.97 10.90
N ALA D 71 6.43 0.09 11.89
CA ALA D 71 6.92 -1.29 11.73
C ALA D 71 6.10 -2.08 10.74
N LEU D 72 4.79 -1.80 10.65
CA LEU D 72 3.96 -2.45 9.66
C LEU D 72 4.34 -2.02 8.25
N ILE D 73 4.45 -0.70 8.03
CA ILE D 73 4.85 -0.20 6.72
C ILE D 73 6.29 -0.54 6.43
N GLY D 74 7.16 -0.54 7.45
CA GLY D 74 8.55 -0.88 7.23
C GLY D 74 8.74 -2.30 6.73
N ALA D 75 8.02 -3.25 7.32
CA ALA D 75 8.11 -4.63 6.85
C ALA D 75 7.46 -4.80 5.48
N ILE D 76 6.43 -4.00 5.18
CA ILE D 76 5.81 -4.04 3.86
C ILE D 76 6.77 -3.52 2.80
N LEU D 77 7.38 -2.36 3.05
CA LEU D 77 8.32 -1.79 2.09
C LEU D 77 9.68 -2.48 2.14
N GLY D 78 10.12 -2.91 3.33
CA GLY D 78 11.39 -3.60 3.42
C GLY D 78 11.40 -4.93 2.71
N LEU D 79 10.35 -5.74 2.93
CA LEU D 79 10.24 -7.02 2.24
C LEU D 79 9.68 -6.86 0.84
N GLY D 80 8.88 -5.82 0.59
CA GLY D 80 8.38 -5.58 -0.75
C GLY D 80 9.50 -5.33 -1.74
N THR D 81 10.53 -4.59 -1.32
CA THR D 81 11.71 -4.41 -2.16
C THR D 81 12.40 -5.75 -2.43
N LEU D 82 12.50 -6.59 -1.40
CA LEU D 82 13.07 -7.92 -1.58
C LEU D 82 12.18 -8.79 -2.45
N ALA D 83 10.87 -8.72 -2.25
CA ALA D 83 9.96 -9.59 -2.99
C ALA D 83 9.89 -9.17 -4.46
N SER D 84 9.73 -7.88 -4.73
CA SER D 84 9.59 -7.41 -6.10
C SER D 84 10.86 -7.61 -6.91
N ASN D 85 12.01 -7.69 -6.26
CA ASN D 85 13.28 -7.97 -6.92
C ASN D 85 13.54 -9.46 -7.05
N SER D 86 12.55 -10.30 -6.72
CA SER D 86 12.68 -11.75 -6.78
C SER D 86 13.81 -12.27 -5.90
N GLU D 87 14.05 -11.59 -4.77
CA GLU D 87 15.06 -12.03 -3.81
C GLU D 87 14.50 -12.99 -2.79
N LEU D 88 13.21 -12.90 -2.47
CA LEU D 88 12.60 -13.86 -1.55
C LEU D 88 12.37 -15.21 -2.20
N ILE D 89 12.28 -15.26 -3.53
CA ILE D 89 12.11 -16.54 -4.23
C ILE D 89 13.41 -17.35 -4.16
N VAL D 90 14.55 -16.68 -4.31
CA VAL D 90 15.84 -17.39 -4.31
C VAL D 90 16.35 -17.69 -2.91
N MET D 91 15.76 -17.11 -1.88
CA MET D 91 16.04 -17.59 -0.53
C MET D 91 15.29 -18.88 -0.24
N ARG D 92 14.06 -19.00 -0.74
CA ARG D 92 13.35 -20.28 -0.63
C ARG D 92 13.96 -21.33 -1.54
N SER D 93 14.49 -20.93 -2.70
CA SER D 93 15.08 -21.87 -3.64
C SER D 93 16.32 -22.54 -3.10
N VAL D 94 16.90 -22.04 -2.01
CA VAL D 94 18.09 -22.64 -1.42
C VAL D 94 17.81 -23.29 -0.08
N GLY D 95 16.64 -23.10 0.49
CA GLY D 95 16.28 -23.80 1.72
C GLY D 95 16.07 -22.92 2.92
N ILE D 96 15.64 -21.68 2.71
CA ILE D 96 15.34 -20.75 3.79
C ILE D 96 13.83 -20.63 3.89
N SER D 97 13.27 -21.05 5.02
CA SER D 97 11.82 -21.14 5.15
C SER D 97 11.19 -19.75 5.22
N LEU D 98 9.86 -19.73 5.10
CA LEU D 98 9.12 -18.48 5.27
C LEU D 98 9.20 -17.99 6.70
N TRP D 99 9.12 -18.90 7.67
CA TRP D 99 9.17 -18.51 9.07
C TRP D 99 10.56 -18.04 9.49
N ARG D 100 11.60 -18.44 8.75
CA ARG D 100 12.93 -17.90 9.02
C ARG D 100 13.06 -16.48 8.51
N ILE D 101 12.51 -16.19 7.33
CA ILE D 101 12.55 -14.83 6.80
C ILE D 101 11.71 -13.90 7.66
N VAL D 102 10.61 -14.41 8.19
CA VAL D 102 9.81 -13.61 9.14
C VAL D 102 10.60 -13.36 10.41
N GLY D 103 11.34 -14.38 10.88
CA GLY D 103 12.15 -14.20 12.07
C GLY D 103 13.23 -13.15 11.90
N TRP D 104 13.76 -13.01 10.69
CA TRP D 104 14.75 -11.96 10.43
C TRP D 104 14.11 -10.58 10.45
N VAL D 105 12.88 -10.46 9.94
CA VAL D 105 12.18 -9.19 9.98
C VAL D 105 11.83 -8.82 11.42
N ILE D 106 11.45 -9.81 12.23
CA ILE D 106 11.14 -9.56 13.63
C ILE D 106 12.33 -9.00 14.37
N ARG D 107 13.55 -9.40 13.97
CA ARG D 107 14.75 -8.82 14.57
C ARG D 107 14.81 -7.32 14.34
N SER D 108 14.42 -6.88 13.15
CA SER D 108 14.35 -5.44 12.88
C SER D 108 13.28 -4.77 13.75
N ALA D 109 12.13 -5.43 13.92
CA ALA D 109 11.07 -4.86 14.73
C ALA D 109 11.44 -4.84 16.21
N LEU D 110 12.31 -5.76 16.64
CA LEU D 110 12.73 -5.79 18.04
C LEU D 110 13.55 -4.56 18.41
N VAL D 111 14.16 -3.88 17.43
CA VAL D 111 14.78 -2.60 17.70
C VAL D 111 13.72 -1.55 18.00
N LEU D 112 12.60 -1.60 17.27
CA LEU D 112 11.51 -0.66 17.52
C LEU D 112 10.80 -0.94 18.84
N VAL D 113 10.71 -2.22 19.23
CA VAL D 113 10.11 -2.56 20.52
C VAL D 113 10.95 -2.01 21.66
N LEU D 114 12.27 -2.18 21.58
CA LEU D 114 13.15 -1.61 22.59
C LEU D 114 13.09 -0.10 22.59
N LEU D 115 13.00 0.51 21.41
CA LEU D 115 12.83 1.96 21.33
C LEU D 115 11.49 2.38 21.94
N SER D 116 10.46 1.55 21.77
CA SER D 116 9.17 1.85 22.36
C SER D 116 9.24 1.84 23.89
N PHE D 117 10.00 0.90 24.46
CA PHE D 117 10.16 0.87 25.90
C PHE D 117 10.91 2.10 26.40
N ALA D 118 11.97 2.51 25.70
CA ALA D 118 12.75 3.65 26.13
C ALA D 118 11.93 4.93 26.10
N LEU D 119 11.15 5.13 25.05
CA LEU D 119 10.29 6.31 24.98
C LEU D 119 9.23 6.28 26.08
N SER D 120 8.59 5.12 26.28
CA SER D 120 7.51 5.03 27.25
C SER D 120 8.01 5.27 28.67
N GLU D 121 9.17 4.72 29.01
CA GLU D 121 9.62 4.73 30.40
C GLU D 121 10.33 6.03 30.78
N TRP D 122 11.21 6.53 29.92
CA TRP D 122 12.11 7.62 30.31
C TRP D 122 11.99 8.89 29.47
N VAL D 123 11.44 8.82 28.27
CA VAL D 123 11.43 9.97 27.37
C VAL D 123 10.06 10.64 27.31
N VAL D 124 9.01 9.87 27.03
CA VAL D 124 7.68 10.46 26.91
C VAL D 124 7.22 11.13 28.20
N PRO D 125 7.33 10.50 29.38
CA PRO D 125 6.87 11.19 30.60
C PRO D 125 7.64 12.46 30.91
N TYR D 126 8.83 12.64 30.36
CA TYR D 126 9.58 13.87 30.60
C TYR D 126 9.21 14.97 29.62
N THR D 127 9.23 14.67 28.31
CA THR D 127 8.88 15.68 27.32
C THR D 127 7.41 16.07 27.42
N ASN D 128 6.55 15.16 27.90
CA ASN D 128 5.16 15.54 28.16
C ASN D 128 5.08 16.63 29.22
N GLU D 129 5.90 16.51 30.27
CA GLU D 129 5.97 17.56 31.27
C GLU D 129 6.53 18.85 30.68
N ARG D 130 7.55 18.74 29.83
CA ARG D 130 8.12 19.93 29.20
C ARG D 130 7.12 20.55 28.21
N ALA D 131 6.41 19.71 27.45
CA ALA D 131 5.46 20.23 26.48
C ALA D 131 4.33 21.00 27.16
N ASN D 132 3.81 20.46 28.27
CA ASN D 132 2.72 21.12 28.97
C ASN D 132 3.18 22.43 29.60
N SER D 133 4.45 22.50 30.02
CA SER D 133 4.96 23.74 30.60
C SER D 133 5.11 24.84 29.56
N VAL D 134 5.40 24.46 28.31
CA VAL D 134 5.54 25.46 27.26
C VAL D 134 4.23 26.17 27.00
N LYS D 135 3.12 25.42 26.97
CA LYS D 135 1.84 26.01 26.63
C LYS D 135 1.23 26.75 27.82
N SER D 136 1.09 26.08 28.96
CA SER D 136 0.40 26.65 30.12
C SER D 136 1.29 27.54 30.96
N HIS D 137 2.58 27.62 30.66
CA HIS D 137 3.49 28.44 31.45
C HIS D 137 4.59 29.05 30.57
N GLU D 145 0.63 18.36 42.07
CA GLU D 145 -0.37 19.24 42.67
C GLU D 145 -1.75 18.99 42.08
N VAL D 146 -2.69 18.60 42.93
CA VAL D 146 -4.07 18.33 42.51
C VAL D 146 -5.01 19.11 43.43
N ARG D 147 -6.06 19.68 42.84
CA ARG D 147 -7.05 20.47 43.57
C ARG D 147 -8.40 19.77 43.54
N GLY D 148 -9.11 19.85 44.66
CA GLY D 148 -10.41 19.21 44.75
C GLY D 148 -10.33 17.70 44.61
N TYR D 149 -9.38 17.10 45.32
CA TYR D 149 -9.14 15.66 45.22
C TYR D 149 -10.15 14.90 46.07
N TRP D 150 -10.93 14.04 45.42
CA TRP D 150 -11.87 13.15 46.10
C TRP D 150 -11.31 11.74 46.04
N SER D 151 -11.16 11.11 47.20
CA SER D 151 -10.60 9.77 47.28
C SER D 151 -11.36 8.95 48.30
N ARG D 152 -11.41 7.64 48.07
CA ARG D 152 -12.00 6.69 49.00
C ARG D 152 -10.92 5.70 49.42
N GLU D 153 -10.85 5.43 50.72
CA GLU D 153 -9.88 4.49 51.29
C GLU D 153 -10.66 3.46 52.09
N GLY D 154 -11.11 2.40 51.41
CA GLY D 154 -11.91 1.39 52.06
C GLY D 154 -13.27 1.90 52.47
N GLN D 155 -13.48 2.07 53.77
CA GLN D 155 -14.73 2.58 54.32
C GLN D 155 -14.67 4.06 54.66
N ARG D 156 -13.60 4.75 54.25
CA ARG D 156 -13.42 6.16 54.54
C ARG D 156 -13.34 6.96 53.26
N PHE D 157 -14.02 8.11 53.24
CA PHE D 157 -14.00 9.03 52.11
C PHE D 157 -13.22 10.27 52.50
N ILE D 158 -12.20 10.61 51.70
CA ILE D 158 -11.29 11.71 52.00
C ILE D 158 -11.39 12.73 50.89
N TYR D 159 -11.62 13.99 51.25
CA TYR D 159 -11.65 15.09 50.31
C TYR D 159 -10.66 16.15 50.77
N VAL D 160 -9.70 16.49 49.91
CA VAL D 160 -8.72 17.53 50.18
C VAL D 160 -8.82 18.57 49.07
N ASP D 161 -8.98 19.84 49.47
CA ASP D 161 -9.14 20.90 48.48
C ASP D 161 -7.86 21.15 47.71
N TYR D 162 -6.72 21.11 48.41
CA TYR D 162 -5.41 21.34 47.80
C TYR D 162 -4.45 20.27 48.27
N ALA D 163 -3.77 19.63 47.33
CA ALA D 163 -2.76 18.63 47.64
C ALA D 163 -1.48 18.96 46.88
N ASN D 164 -0.35 18.79 47.53
CA ASN D 164 0.95 19.14 46.95
C ASN D 164 1.87 17.93 47.00
N SER D 165 2.73 17.82 45.99
CA SER D 165 3.66 16.70 45.93
C SER D 165 4.73 16.77 47.00
N GLN D 166 4.91 17.93 47.63
CA GLN D 166 5.89 18.09 48.71
C GLN D 166 5.30 17.79 50.08
N GLY D 167 4.01 17.44 50.16
CA GLY D 167 3.40 17.08 51.42
C GLY D 167 2.66 18.22 52.11
N GLN D 168 1.82 18.92 51.36
CA GLN D 168 1.03 20.02 51.90
C GLN D 168 -0.43 19.81 51.54
N LEU D 169 -1.31 20.08 52.50
CA LEU D 169 -2.75 19.94 52.31
C LEU D 169 -3.45 21.21 52.77
N LYS D 170 -4.65 21.42 52.23
CA LYS D 170 -5.47 22.57 52.58
C LYS D 170 -6.92 22.14 52.63
N ARG D 171 -7.58 22.40 53.77
CA ARG D 171 -8.99 22.09 53.98
C ARG D 171 -9.26 20.60 53.77
N ILE D 172 -8.64 19.78 54.62
CA ILE D 172 -8.86 18.34 54.60
C ILE D 172 -10.25 18.04 55.14
N GLN D 173 -10.87 16.98 54.63
CA GLN D 173 -12.15 16.51 55.15
C GLN D 173 -12.18 14.99 55.00
N VAL D 174 -12.23 14.28 56.13
CA VAL D 174 -12.25 12.82 56.14
C VAL D 174 -13.54 12.37 56.83
N VAL D 175 -14.26 11.47 56.18
CA VAL D 175 -15.53 10.95 56.68
C VAL D 175 -15.37 9.44 56.88
N ASP D 176 -15.69 8.97 58.07
CA ASP D 176 -15.57 7.56 58.42
C ASP D 176 -16.92 6.87 58.37
N PHE D 177 -16.90 5.57 58.08
CA PHE D 177 -18.12 4.80 57.94
C PHE D 177 -17.91 3.41 58.55
N ASP D 178 -19.02 2.68 58.68
CA ASP D 178 -19.03 1.35 59.24
C ASP D 178 -19.23 0.30 58.15
N ASP D 179 -19.16 -0.97 58.55
CA ASP D 179 -19.60 -2.04 57.67
C ASP D 179 -21.08 -1.92 57.36
N ASN D 180 -21.84 -1.32 58.28
CA ASN D 180 -23.24 -0.98 58.05
C ASN D 180 -23.41 0.43 57.49
N TYR D 181 -22.31 1.12 57.20
CA TYR D 181 -22.32 2.48 56.64
C TYR D 181 -22.98 3.47 57.60
N ARG D 182 -22.38 3.59 58.78
CA ARG D 182 -22.81 4.55 59.79
C ARG D 182 -21.65 5.48 60.14
N LEU D 183 -21.96 6.76 60.31
CA LEU D 183 -20.93 7.77 60.55
C LEU D 183 -20.25 7.55 61.89
N LYS D 184 -18.95 7.83 61.93
CA LYS D 184 -18.21 7.96 63.17
C LYS D 184 -17.67 9.38 63.36
N SER D 185 -16.92 9.89 62.40
CA SER D 185 -16.23 11.17 62.57
C SER D 185 -16.12 11.88 61.24
N VAL D 186 -16.45 13.17 61.23
CA VAL D 186 -16.18 14.04 60.09
C VAL D 186 -15.16 15.06 60.53
N THR D 187 -13.88 14.77 60.32
CA THR D 187 -12.80 15.62 60.78
C THR D 187 -12.39 16.58 59.66
N ASN D 188 -12.12 17.83 60.04
CA ASN D 188 -11.70 18.86 59.12
C ASN D 188 -10.45 19.54 59.66
N ALA D 189 -9.56 19.92 58.76
CA ALA D 189 -8.33 20.61 59.10
C ALA D 189 -8.13 21.80 58.17
N GLU D 190 -7.14 22.63 58.48
CA GLU D 190 -6.79 23.78 57.67
C GLU D 190 -5.54 23.55 56.85
N GLN D 191 -4.50 22.97 57.45
CA GLN D 191 -3.28 22.63 56.75
C GLN D 191 -2.85 21.23 57.16
N GLY D 192 -2.13 20.57 56.27
CA GLY D 192 -1.65 19.22 56.54
C GLY D 192 -0.24 19.04 56.03
N GLN D 193 0.49 18.16 56.72
CA GLN D 193 1.87 17.86 56.37
C GLN D 193 2.09 16.35 56.40
N PHE D 194 2.97 15.88 55.51
CA PHE D 194 3.29 14.47 55.39
C PHE D 194 4.66 14.21 56.00
N VAL D 195 4.73 13.27 56.94
CA VAL D 195 5.97 12.91 57.61
C VAL D 195 6.32 11.43 57.40
N LYS D 196 5.34 10.54 57.53
CA LYS D 196 5.56 9.11 57.34
C LYS D 196 4.33 8.51 56.70
N ASP D 197 4.53 7.35 56.07
CA ASP D 197 3.42 6.66 55.42
C ASP D 197 2.38 6.22 56.45
N GLY D 198 1.12 6.48 56.15
CA GLY D 198 0.04 6.10 57.05
C GLY D 198 -0.26 7.09 58.15
N GLN D 199 0.31 8.29 58.10
CA GLN D 199 0.01 9.31 59.10
C GLN D 199 0.41 10.68 58.55
N TRP D 200 -0.44 11.68 58.76
CA TRP D 200 -0.19 13.04 58.32
C TRP D 200 -0.40 14.00 59.48
N LEU D 201 0.56 14.91 59.65
CA LEU D 201 0.42 15.97 60.65
C LEU D 201 -0.46 17.08 60.10
N LEU D 202 -1.32 17.62 60.96
CA LEU D 202 -2.26 18.64 60.53
C LEU D 202 -2.66 19.50 61.72
N ASN D 203 -3.22 20.67 61.42
CA ASN D 203 -3.59 21.65 62.42
C ASN D 203 -5.09 21.92 62.38
N HIS D 204 -5.62 22.37 63.51
CA HIS D 204 -7.03 22.74 63.65
C HIS D 204 -7.94 21.55 63.30
N SER D 205 -7.78 20.47 64.07
CA SER D 205 -8.51 19.23 63.84
C SER D 205 -9.89 19.33 64.48
N GLN D 206 -10.81 19.96 63.75
CA GLN D 206 -12.21 20.04 64.16
C GLN D 206 -12.87 18.70 63.82
N GLN D 207 -12.91 17.79 64.78
CA GLN D 207 -13.34 16.42 64.57
C GLN D 207 -14.68 16.16 65.24
N MET D 208 -15.65 15.69 64.47
CA MET D 208 -16.93 15.23 64.99
C MET D 208 -16.76 13.82 65.55
N ALA D 209 -17.69 13.43 66.42
CA ALA D 209 -17.64 12.11 67.05
C ALA D 209 -19.05 11.62 67.34
N ILE D 210 -19.40 10.47 66.79
CA ILE D 210 -20.68 9.84 67.07
C ILE D 210 -20.49 8.34 67.32
N LEU D 218 -18.52 15.74 68.90
CA LEU D 218 -17.98 17.10 68.92
C LEU D 218 -16.64 17.15 69.64
N ALA D 219 -15.59 17.50 68.91
CA ALA D 219 -14.26 17.58 69.48
C ALA D 219 -13.42 18.55 68.66
N ASN D 220 -12.31 18.98 69.25
CA ASN D 220 -11.40 19.90 68.59
C ASN D 220 -9.98 19.61 69.08
N ALA D 221 -9.00 19.93 68.23
CA ALA D 221 -7.60 19.73 68.58
C ALA D 221 -6.76 20.70 67.78
N ALA D 222 -5.82 21.37 68.45
CA ALA D 222 -4.94 22.31 67.78
C ALA D 222 -4.01 21.60 66.80
N LYS D 223 -3.50 20.43 67.17
CA LYS D 223 -2.57 19.69 66.32
C LYS D 223 -2.61 18.23 66.72
N GLN D 224 -2.99 17.36 65.79
CA GLN D 224 -2.98 15.92 66.02
C GLN D 224 -2.95 15.17 64.70
N PRO D 225 -2.08 14.17 64.56
CA PRO D 225 -2.08 13.35 63.35
C PRO D 225 -2.92 12.09 63.50
N PHE D 226 -3.52 11.68 62.38
CA PHE D 226 -4.27 10.43 62.32
C PHE D 226 -3.92 9.72 61.03
N SER D 227 -4.43 8.49 60.90
CA SER D 227 -4.04 7.61 59.81
C SER D 227 -4.84 7.91 58.55
N LEU D 228 -4.13 8.10 57.44
CA LEU D 228 -4.74 8.21 56.13
C LEU D 228 -3.70 7.77 55.09
N ALA D 229 -4.16 7.09 54.05
CA ALA D 229 -3.27 6.38 53.13
C ALA D 229 -2.81 7.21 51.96
N LEU D 230 -3.17 8.50 51.89
CA LEU D 230 -2.73 9.34 50.79
C LEU D 230 -1.22 9.55 50.85
N GLN D 231 -0.57 9.46 49.69
CA GLN D 231 0.87 9.63 49.61
C GLN D 231 1.20 10.71 48.57
N PRO D 232 2.10 11.63 48.90
CA PRO D 232 2.42 12.71 47.95
C PRO D 232 3.08 12.22 46.67
N LYS D 233 3.65 11.01 46.65
CA LYS D 233 4.34 10.54 45.46
C LYS D 233 3.38 10.37 44.29
N TYR D 234 2.18 9.89 44.55
CA TYR D 234 1.18 9.67 43.50
C TYR D 234 0.24 10.85 43.31
N VAL D 235 0.46 11.97 44.00
CA VAL D 235 -0.42 13.12 43.84
C VAL D 235 -0.33 13.68 42.43
N HIS D 236 0.87 13.79 41.89
CA HIS D 236 1.04 14.33 40.54
C HIS D 236 0.55 13.39 39.46
N MET D 237 0.23 12.13 39.79
CA MET D 237 -0.32 11.19 38.83
C MET D 237 -1.84 11.20 38.78
N VAL D 238 -2.49 11.94 39.67
CA VAL D 238 -3.95 11.95 39.70
C VAL D 238 -4.51 12.64 38.48
N THR D 239 -3.96 13.81 38.12
CA THR D 239 -4.47 14.56 36.98
C THR D 239 -4.07 13.91 35.65
N ILE D 240 -2.97 13.16 35.63
CA ILE D 240 -2.50 12.54 34.41
C ILE D 240 -3.47 11.44 33.98
N ASP D 241 -3.79 11.41 32.69
CA ASP D 241 -4.68 10.39 32.16
C ASP D 241 -4.04 9.01 32.32
N PRO D 242 -4.84 7.97 32.54
CA PRO D 242 -4.26 6.62 32.68
C PRO D 242 -3.48 6.18 31.46
N GLU D 243 -3.89 6.60 30.27
CA GLU D 243 -3.15 6.26 29.06
C GLU D 243 -1.76 6.88 29.07
N ASP D 244 -1.66 8.13 29.51
CA ASP D 244 -0.40 8.87 29.43
C ASP D 244 0.63 8.39 30.44
N LEU D 245 0.20 7.72 31.50
CA LEU D 245 1.15 7.25 32.51
C LEU D 245 2.07 6.19 31.95
N SER D 246 3.36 6.30 32.28
CA SER D 246 4.32 5.28 31.90
C SER D 246 4.06 4.00 32.68
N PHE D 247 4.62 2.90 32.18
CA PHE D 247 4.37 1.61 32.82
C PHE D 247 4.91 1.57 34.24
N SER D 248 6.07 2.19 34.47
CA SER D 248 6.59 2.27 35.84
C SER D 248 5.65 3.07 36.73
N GLN D 249 5.11 4.18 36.21
CA GLN D 249 4.16 4.98 36.98
C GLN D 249 2.81 4.28 37.10
N LEU D 250 2.36 3.62 36.04
CA LEU D 250 1.03 3.03 36.03
C LEU D 250 0.92 1.89 37.02
N VAL D 251 1.87 0.95 36.97
CA VAL D 251 1.81 -0.22 37.86
C VAL D 251 1.96 0.20 39.31
N SER D 252 2.85 1.15 39.58
CA SER D 252 3.02 1.63 40.95
C SER D 252 1.75 2.32 41.44
N PHE D 253 1.11 3.12 40.59
CA PHE D 253 -0.13 3.77 40.98
C PHE D 253 -1.26 2.77 41.18
N MET D 254 -1.38 1.79 40.27
CA MET D 254 -2.42 0.77 40.42
C MET D 254 -2.21 -0.05 41.69
N ASN D 255 -0.96 -0.39 42.00
CA ASN D 255 -0.68 -1.12 43.22
C ASN D 255 -1.03 -0.29 44.44
N TYR D 256 -0.90 1.04 44.34
CA TYR D 256 -1.26 1.91 45.45
C TYR D 256 -2.77 1.96 45.65
N MET D 257 -3.52 2.14 44.56
CA MET D 257 -4.98 2.17 44.67
C MET D 257 -5.52 0.83 45.15
N ARG D 258 -4.99 -0.26 44.60
CA ARG D 258 -5.51 -1.59 44.94
C ARG D 258 -5.30 -1.92 46.41
N GLU D 259 -4.30 -1.32 47.04
CA GLU D 259 -4.04 -1.60 48.45
C GLU D 259 -5.05 -0.92 49.37
N TYR D 260 -5.75 0.11 48.89
CA TYR D 260 -6.67 0.86 49.73
C TYR D 260 -8.04 1.08 49.11
N SER D 261 -8.22 0.89 47.81
CA SER D 261 -9.51 1.11 47.17
C SER D 261 -9.58 0.24 45.92
N GLN D 262 -10.56 0.53 45.08
CA GLN D 262 -10.75 -0.21 43.84
C GLN D 262 -10.17 0.57 42.67
N VAL D 263 -9.41 -0.14 41.83
CA VAL D 263 -8.81 0.49 40.65
C VAL D 263 -9.87 0.62 39.57
N PRO D 264 -10.04 1.80 38.96
CA PRO D 264 -11.07 1.97 37.93
C PRO D 264 -10.72 1.18 36.68
N LYS D 265 -11.75 0.91 35.88
CA LYS D 265 -11.54 0.16 34.64
C LYS D 265 -10.76 0.94 33.61
N THR D 266 -10.67 2.27 33.74
CA THR D 266 -9.85 3.04 32.83
C THR D 266 -8.36 2.92 33.12
N TYR D 267 -8.00 2.45 34.32
CA TYR D 267 -6.60 2.15 34.61
C TYR D 267 -6.25 0.70 34.24
N GLN D 268 -7.21 -0.22 34.38
CA GLN D 268 -7.00 -1.58 33.93
C GLN D 268 -6.80 -1.63 32.41
N LEU D 269 -7.60 -0.87 31.67
CA LEU D 269 -7.43 -0.81 30.22
C LEU D 269 -6.08 -0.20 29.85
N ALA D 270 -5.66 0.84 30.55
CA ALA D 270 -4.37 1.46 30.26
C ALA D 270 -3.24 0.49 30.55
N PHE D 271 -3.36 -0.31 31.61
CA PHE D 271 -2.33 -1.30 31.92
C PHE D 271 -2.25 -2.36 30.83
N TRP D 272 -3.40 -2.84 30.34
CA TRP D 272 -3.38 -3.88 29.32
C TRP D 272 -3.00 -3.32 27.96
N LYS D 273 -3.30 -2.04 27.71
CA LYS D 273 -2.90 -1.44 26.44
C LYS D 273 -1.40 -1.19 26.37
N LYS D 274 -0.71 -1.24 27.50
CA LYS D 274 0.74 -1.06 27.54
C LYS D 274 1.50 -2.39 27.57
N VAL D 275 1.02 -3.36 28.34
CA VAL D 275 1.68 -4.66 28.38
C VAL D 275 1.52 -5.40 27.06
N ALA D 276 0.49 -5.07 26.28
CA ALA D 276 0.27 -5.68 24.97
C ALA D 276 0.70 -4.77 23.83
N SER D 277 1.52 -3.76 24.13
CA SER D 277 2.05 -2.87 23.10
C SER D 277 3.22 -3.52 22.34
N PRO D 278 4.20 -4.13 23.02
CA PRO D 278 5.22 -4.87 22.26
C PRO D 278 4.67 -6.02 21.45
N PHE D 279 3.64 -6.70 21.96
CA PHE D 279 3.08 -7.84 21.24
C PHE D 279 2.19 -7.43 20.08
N ALA D 280 1.70 -6.20 20.07
CA ALA D 280 0.98 -5.67 18.91
C ALA D 280 1.91 -5.15 17.83
N LEU D 281 3.15 -4.78 18.20
CA LEU D 281 4.13 -4.37 17.20
C LEU D 281 4.68 -5.58 16.45
N ILE D 282 4.98 -6.66 17.16
CA ILE D 282 5.49 -7.87 16.52
C ILE D 282 4.41 -8.55 15.70
N THR D 283 3.19 -8.64 16.25
CA THR D 283 2.10 -9.28 15.52
C THR D 283 1.77 -8.52 14.24
N LEU D 284 1.79 -7.18 14.30
CA LEU D 284 1.49 -6.39 13.12
C LEU D 284 2.61 -6.49 12.09
N VAL D 285 3.84 -6.76 12.54
CA VAL D 285 4.93 -7.04 11.60
C VAL D 285 4.73 -8.38 10.92
N LEU D 286 4.35 -9.40 11.70
CA LEU D 286 4.14 -10.74 11.14
C LEU D 286 3.01 -10.72 10.11
N VAL D 287 1.98 -9.92 10.36
CA VAL D 287 0.90 -9.79 9.38
C VAL D 287 1.43 -9.13 8.11
N ALA D 288 2.32 -8.14 8.26
CA ALA D 288 2.92 -7.51 7.08
C ALA D 288 3.75 -8.50 6.29
N CYS D 289 4.54 -9.33 6.98
CA CYS D 289 5.35 -10.32 6.28
C CYS D 289 4.49 -11.36 5.58
N SER D 290 3.41 -11.80 6.22
CA SER D 290 2.53 -12.80 5.60
C SER D 290 1.81 -12.22 4.38
N PHE D 291 1.50 -10.93 4.39
CA PHE D 291 0.88 -10.32 3.23
C PHE D 291 1.83 -10.27 2.04
N ILE D 292 3.12 -10.05 2.30
CA ILE D 292 4.10 -10.01 1.21
C ILE D 292 4.20 -11.37 0.54
N PHE D 293 4.23 -12.45 1.33
CA PHE D 293 4.26 -13.79 0.78
C PHE D 293 2.90 -14.25 0.27
N GLY D 294 1.83 -13.55 0.61
CA GLY D 294 0.50 -13.99 0.24
C GLY D 294 -0.21 -13.03 -0.69
N PRO D 295 -1.21 -12.31 -0.17
CA PRO D 295 -2.03 -11.45 -1.04
C PRO D 295 -1.24 -10.37 -1.77
N LEU D 296 -0.26 -9.76 -1.12
CA LEU D 296 0.47 -8.64 -1.69
C LEU D 296 1.71 -9.06 -2.46
N ARG D 297 1.77 -10.32 -2.89
CA ARG D 297 2.86 -10.77 -3.73
C ARG D 297 2.59 -10.37 -5.18
N GLN D 298 3.63 -9.89 -5.86
CA GLN D 298 3.62 -9.42 -7.24
C GLN D 298 2.86 -8.10 -7.41
N GLN D 299 2.36 -7.50 -6.34
CA GLN D 299 1.70 -6.21 -6.45
C GLN D 299 2.73 -5.10 -6.54
N SER D 300 2.27 -3.92 -6.96
CA SER D 300 3.15 -2.76 -7.06
C SER D 300 3.60 -2.32 -5.68
N MET D 301 4.67 -1.51 -5.67
CA MET D 301 5.13 -0.95 -4.40
C MET D 301 4.15 0.08 -3.86
N GLY D 302 3.48 0.82 -4.75
CA GLY D 302 2.47 1.76 -4.29
C GLY D 302 1.25 1.07 -3.69
N PHE D 303 0.83 -0.04 -4.29
CA PHE D 303 -0.31 -0.76 -3.76
C PHE D 303 -0.02 -1.37 -2.40
N ARG D 304 1.19 -1.90 -2.22
CA ARG D 304 1.58 -2.42 -0.90
C ARG D 304 1.58 -1.32 0.14
N LEU D 305 2.08 -0.14 -0.21
CA LEU D 305 2.07 0.99 0.72
C LEU D 305 0.66 1.43 1.04
N VAL D 306 -0.23 1.43 0.04
CA VAL D 306 -1.62 1.80 0.28
C VAL D 306 -2.29 0.79 1.21
N ILE D 307 -2.07 -0.51 0.95
CA ILE D 307 -2.66 -1.53 1.80
C ILE D 307 -2.05 -1.48 3.20
N ALA D 308 -0.74 -1.22 3.29
CA ALA D 308 -0.12 -1.09 4.60
C ALA D 308 -0.70 0.08 5.39
N LEU D 309 -1.21 1.10 4.70
CA LEU D 309 -1.87 2.21 5.38
C LEU D 309 -3.28 1.83 5.84
N PHE D 310 -3.96 0.96 5.09
CA PHE D 310 -5.30 0.55 5.50
C PHE D 310 -5.25 -0.39 6.70
N ILE D 311 -4.24 -1.26 6.75
CA ILE D 311 -4.07 -2.13 7.91
C ILE D 311 -3.67 -1.31 9.13
N GLY D 312 -2.86 -0.28 8.93
CA GLY D 312 -2.47 0.58 10.04
C GLY D 312 -3.65 1.33 10.64
N LEU D 313 -4.48 1.93 9.78
CA LEU D 313 -5.68 2.60 10.27
C LEU D 313 -6.68 1.60 10.80
N GLY D 314 -6.86 0.48 10.12
CA GLY D 314 -7.78 -0.53 10.61
C GLY D 314 -7.38 -1.06 11.97
N PHE D 315 -6.08 -1.19 12.21
CA PHE D 315 -5.61 -1.61 13.53
C PHE D 315 -5.73 -0.51 14.56
N TYR D 316 -5.40 0.73 14.18
CA TYR D 316 -5.55 1.84 15.12
C TYR D 316 -7.00 2.09 15.49
N TYR D 317 -7.92 1.99 14.52
CA TYR D 317 -9.33 2.14 14.83
C TYR D 317 -9.85 0.96 15.64
N LEU D 318 -9.44 -0.25 15.29
CA LEU D 318 -9.90 -1.42 16.02
C LEU D 318 -9.42 -1.41 17.47
N GLN D 319 -8.17 -1.02 17.70
CA GLN D 319 -7.67 -0.96 19.07
C GLN D 319 -8.23 0.24 19.82
N ASP D 320 -8.59 1.31 19.12
CA ASP D 320 -9.27 2.42 19.78
C ASP D 320 -10.68 2.05 20.17
N PHE D 321 -11.43 1.46 19.23
CA PHE D 321 -12.82 1.11 19.50
C PHE D 321 -12.93 0.04 20.58
N LEU D 322 -12.12 -1.02 20.49
CA LEU D 322 -12.18 -2.07 21.49
C LEU D 322 -11.63 -1.61 22.83
N GLY D 323 -10.78 -0.58 22.85
CA GLY D 323 -10.44 0.03 24.11
C GLY D 323 -11.62 0.70 24.77
N TYR D 324 -12.41 1.44 23.99
CA TYR D 324 -13.61 2.07 24.51
C TYR D 324 -14.67 1.04 24.90
N ALA D 325 -14.80 -0.03 24.09
CA ALA D 325 -15.78 -1.06 24.39
C ALA D 325 -15.48 -1.80 25.69
N SER D 326 -14.22 -1.81 26.12
CA SER D 326 -13.87 -2.44 27.38
C SER D 326 -14.28 -1.62 28.59
N LEU D 327 -14.52 -0.33 28.42
CA LEU D 327 -14.96 0.53 29.50
C LEU D 327 -16.47 0.58 29.64
N VAL D 328 -17.21 -0.03 28.71
CA VAL D 328 -18.67 -0.02 28.75
C VAL D 328 -19.25 -1.43 28.94
N TYR D 329 -18.46 -2.47 28.74
CA TYR D 329 -18.93 -3.84 28.83
C TYR D 329 -18.26 -4.56 30.00
N ASN D 330 -18.95 -5.58 30.50
CA ASN D 330 -18.49 -6.30 31.69
C ASN D 330 -17.14 -6.98 31.55
N PRO D 331 -16.80 -7.67 30.45
CA PRO D 331 -15.55 -8.45 30.45
C PRO D 331 -14.32 -7.59 30.66
N SER D 332 -13.26 -8.22 31.16
CA SER D 332 -12.04 -7.52 31.49
C SER D 332 -11.42 -6.92 30.23
N PRO D 333 -10.68 -5.82 30.36
CA PRO D 333 -10.04 -5.21 29.19
C PRO D 333 -9.00 -6.11 28.52
N ALA D 334 -8.54 -7.16 29.20
CA ALA D 334 -7.58 -8.07 28.58
C ALA D 334 -8.16 -8.73 27.34
N TRP D 335 -9.45 -9.08 27.39
CA TRP D 335 -10.08 -9.71 26.23
C TRP D 335 -10.09 -8.77 25.03
N PHE D 336 -10.41 -7.49 25.27
CA PHE D 336 -10.53 -6.54 24.17
C PHE D 336 -9.17 -6.09 23.65
N VAL D 337 -8.16 -6.04 24.51
CA VAL D 337 -6.83 -5.59 24.08
C VAL D 337 -6.06 -6.73 23.43
N LEU D 338 -6.09 -7.91 24.04
CA LEU D 338 -5.40 -9.08 23.48
C LEU D 338 -6.26 -9.82 22.47
N GLY D 339 -7.45 -9.32 22.14
CA GLY D 339 -8.29 -9.95 21.15
C GLY D 339 -7.70 -9.88 19.77
N PRO D 340 -7.61 -8.67 19.20
CA PRO D 340 -7.04 -8.54 17.86
C PRO D 340 -5.61 -9.06 17.75
N ILE D 341 -4.80 -8.87 18.78
CA ILE D 341 -3.41 -9.30 18.72
C ILE D 341 -3.32 -10.81 18.54
N VAL D 342 -4.15 -11.56 19.27
CA VAL D 342 -4.15 -13.01 19.13
C VAL D 342 -4.74 -13.41 17.78
N LEU D 343 -5.82 -12.75 17.36
CA LEU D 343 -6.46 -13.11 16.10
C LEU D 343 -5.59 -12.74 14.90
N MET D 344 -4.94 -11.58 14.92
CA MET D 344 -4.05 -11.22 13.82
C MET D 344 -2.84 -12.14 13.76
N PHE D 345 -2.33 -12.56 14.91
CA PHE D 345 -1.25 -13.53 14.92
C PHE D 345 -1.69 -14.86 14.33
N VAL D 346 -2.88 -15.32 14.69
CA VAL D 346 -3.40 -16.59 14.16
C VAL D 346 -3.70 -16.45 12.68
N ALA D 347 -4.39 -15.37 12.29
CA ALA D 347 -4.68 -15.15 10.87
C ALA D 347 -3.41 -14.86 10.09
N GLY D 348 -2.48 -14.10 10.67
CA GLY D 348 -1.23 -13.83 9.98
C GLY D 348 -0.37 -15.07 9.83
N SER D 349 -0.35 -15.94 10.85
CA SER D 349 0.40 -17.18 10.76
C SER D 349 -0.26 -18.19 9.83
N TYR D 350 -1.56 -18.06 9.58
CA TYR D 350 -2.21 -18.93 8.61
C TYR D 350 -1.84 -18.54 7.19
N LEU D 351 -1.79 -17.24 6.89
CA LEU D 351 -1.37 -16.80 5.57
C LEU D 351 0.08 -17.21 5.28
N LEU D 352 0.89 -17.38 6.33
CA LEU D 352 2.23 -17.91 6.16
C LEU D 352 2.23 -19.42 5.94
N TYR D 353 1.27 -20.13 6.54
CA TYR D 353 1.18 -21.57 6.29
C TYR D 353 0.73 -21.87 4.86
N ARG D 354 -0.11 -21.00 4.29
CA ARG D 354 -0.48 -21.14 2.89
C ARG D 354 0.66 -20.84 1.94
N ALA D 355 1.78 -20.31 2.46
CA ALA D 355 2.97 -19.99 1.68
C ALA D 355 2.65 -18.97 0.59
#